data_4P4F
#
_entry.id   4P4F
#
_cell.length_a   101.766
_cell.length_b   130.612
_cell.length_c   159.118
_cell.angle_alpha   90.00
_cell.angle_beta   90.00
_cell.angle_gamma   90.00
#
_symmetry.space_group_name_H-M   'I 2 2 2'
#
loop_
_entity.id
_entity.type
_entity.pdbx_description
1 polymer 'Glutamate carboxypeptidase 2'
2 branched 2-acetamido-2-deoxy-beta-D-glucopyranose-(1-4)-2-acetamido-2-deoxy-beta-D-glucopyranose
3 branched beta-D-mannopyranose-(1-4)-2-acetamido-2-deoxy-beta-D-glucopyranose-(1-4)-2-acetamido-2-deoxy-beta-D-glucopyranose
4 branched alpha-D-mannopyranose-(1-3)-beta-D-mannopyranose-(1-4)-2-acetamido-2-deoxy-beta-D-glucopyranose-(1-4)-2-acetamido-2-deoxy-beta-D-glucopyranose
5 non-polymer 2-acetamido-2-deoxy-beta-D-glucopyranose
6 non-polymer 'ZINC ION'
7 non-polymer 'CALCIUM ION'
8 non-polymer 'CHLORIDE ION'
9 non-polymer 'N-[(S)-(biphenyl-4-ylmethoxy)(hydroxy)phosphoryl]-L-glutamic acid'
10 water water
#
_entity_poly.entity_id   1
_entity_poly.type   'polypeptide(L)'
_entity_poly.pdbx_seq_one_letter_code
;KSSNEATNITPKHNMKAFLDELKAENIKKFLYNFTQIPHLAGTEQNFQLAKQIQSQWKEFGLDSVELAHYDVLLSYPNKT
HPNYISIINEDGNEIFNTSLFEPPPPGYENVSDIVPPFSAFSPQGMPEGDLVYVNYARTEDFFKLERDMKINCSGKIVIA
RYGKVFRGNKVKNAQLAGAKGVILYSDPADYFAPGVKSYPDGWNLPGGGVQRGNILNLNGAGDPLTPGYPANEYAYRRGI
AEAVGLPSIPVHPIGYYDAQKLLEKMGGSAPPDSSWRGSLKVPYNVGPGFTGNFSTQKVKMHIHSTNEVTRIYNVIGTLR
GAVEPDRYVILGGHRDSWVFGGIDPQSGAAVVHEIVRSFGTLKKEGWRPRRTILFASWDAEEFGLLGSTEWAEENSRLLQ
ERGVAYINADSSIEGNYTLRVDCTPLMYSLVHNLTKELKSPDEGFEGKSLYESWTKKSPSPEFSGMPRISKLGSGNDFEV
FFQRLGIASGRARYTKNWETNKFSGYPLYHSVYETYELVEKFYDPMFKYHLTVAQVRGGMVFELANSIVLPFDCRDYAVV
LRKYADKIYSISMKHPQEMKTYSVSFDSLFSAVKNFTEIASKFSERLQDFDKSNPIVLRMMNDQLMFLERAFIDPLGLPD
RPFYRHVIYAPSSHNKYAGESFPGIYDALFDIESKVDPSKAWGEVKRQIYVAAFTVQAAAETLSEVA
;
_entity_poly.pdbx_strand_id   A
#
loop_
_chem_comp.id
_chem_comp.type
_chem_comp.name
_chem_comp.formula
2GB non-polymer 'N-[(S)-(biphenyl-4-ylmethoxy)(hydroxy)phosphoryl]-L-glutamic acid' 'C18 H20 N O7 P'
BMA D-saccharide, beta linking beta-D-mannopyranose 'C6 H12 O6'
CA non-polymer 'CALCIUM ION' 'Ca 2'
CL non-polymer 'CHLORIDE ION' 'Cl -1'
MAN D-saccharide, alpha linking alpha-D-mannopyranose 'C6 H12 O6'
NAG D-saccharide, beta linking 2-acetamido-2-deoxy-beta-D-glucopyranose 'C8 H15 N O6'
ZN non-polymer 'ZINC ION' 'Zn 2'
#
# COMPACT_ATOMS: atom_id res chain seq x y z
N LYS A 12 8.15 -13.77 -34.65
CA LYS A 12 9.02 -13.66 -33.44
C LYS A 12 8.24 -13.48 -32.12
N HIS A 13 8.60 -14.26 -31.10
CA HIS A 13 8.01 -14.04 -29.76
C HIS A 13 9.07 -13.35 -28.94
N ASN A 14 8.88 -12.05 -28.74
CA ASN A 14 9.78 -11.20 -27.98
C ASN A 14 8.90 -10.23 -27.19
N MET A 15 9.51 -9.29 -26.48
CA MET A 15 8.69 -8.43 -25.62
C MET A 15 7.74 -7.61 -26.49
N LYS A 16 8.19 -7.20 -27.67
CA LYS A 16 7.35 -6.41 -28.55
C LYS A 16 6.10 -7.18 -29.00
N ALA A 17 6.21 -8.48 -29.29
CA ALA A 17 5.00 -9.25 -29.64
C ALA A 17 4.06 -9.28 -28.42
N PHE A 18 4.63 -9.49 -27.25
CA PHE A 18 3.82 -9.46 -26.02
C PHE A 18 3.08 -8.12 -25.85
N LEU A 19 3.83 -7.02 -25.88
CA LEU A 19 3.26 -5.70 -25.72
C LEU A 19 2.22 -5.31 -26.79
N ASP A 20 2.45 -5.68 -28.05
CA ASP A 20 1.50 -5.29 -29.13
C ASP A 20 0.17 -6.01 -28.99
N GLU A 21 0.15 -7.14 -28.31
CA GLU A 21 -1.08 -7.93 -28.18
C GLU A 21 -2.05 -7.31 -27.16
N LEU A 22 -1.50 -6.57 -26.18
CA LEU A 22 -2.34 -5.80 -25.21
C LEU A 22 -3.20 -4.75 -25.92
N LYS A 23 -4.50 -4.72 -25.60
CA LYS A 23 -5.45 -3.80 -26.25
C LYS A 23 -6.23 -3.01 -25.21
N ALA A 24 -6.27 -1.68 -25.37
CA ALA A 24 -7.10 -0.80 -24.53
C ALA A 24 -8.57 -1.25 -24.51
N GLU A 25 -9.11 -1.67 -25.66
N GLU A 25 -9.04 -1.70 -25.68
CA GLU A 25 -10.53 -2.06 -25.68
CA GLU A 25 -10.43 -2.17 -25.92
C GLU A 25 -10.80 -3.30 -24.82
C GLU A 25 -10.81 -3.39 -25.03
N ASN A 26 -9.85 -4.25 -24.77
CA ASN A 26 -10.03 -5.42 -23.89
C ASN A 26 -10.03 -4.98 -22.42
N ILE A 27 -9.11 -4.12 -22.05
CA ILE A 27 -9.07 -3.64 -20.67
C ILE A 27 -10.41 -2.95 -20.30
N LYS A 28 -10.95 -2.17 -21.24
CA LYS A 28 -12.23 -1.49 -21.03
C LYS A 28 -13.34 -2.53 -20.80
N LYS A 29 -13.43 -3.51 -21.68
CA LYS A 29 -14.45 -4.56 -21.54
C LYS A 29 -14.33 -5.31 -20.20
N PHE A 30 -13.11 -5.60 -19.76
CA PHE A 30 -12.93 -6.33 -18.53
C PHE A 30 -13.32 -5.44 -17.33
N LEU A 31 -12.98 -4.15 -17.39
CA LEU A 31 -13.29 -3.25 -16.28
C LEU A 31 -14.81 -3.16 -16.12
N TYR A 32 -15.50 -3.01 -17.25
CA TYR A 32 -16.96 -2.98 -17.23
C TYR A 32 -17.48 -4.25 -16.54
N ASN A 33 -16.98 -5.39 -17.00
CA ASN A 33 -17.37 -6.70 -16.49
C ASN A 33 -17.17 -6.89 -14.96
N PHE A 34 -16.14 -6.25 -14.41
CA PHE A 34 -15.72 -6.46 -13.03
C PHE A 34 -16.37 -5.48 -12.06
N THR A 35 -17.16 -4.54 -12.57
CA THR A 35 -17.63 -3.42 -11.77
C THR A 35 -19.14 -3.18 -11.78
N GLN A 36 -19.90 -4.15 -12.30
CA GLN A 36 -21.39 -4.02 -12.34
C GLN A 36 -22.06 -4.24 -10.99
N ILE A 37 -21.41 -4.98 -10.09
CA ILE A 37 -21.96 -5.30 -8.78
C ILE A 37 -20.83 -5.22 -7.78
N PRO A 38 -21.16 -5.07 -6.47
CA PRO A 38 -20.09 -5.03 -5.49
C PRO A 38 -19.40 -6.37 -5.33
N HIS A 39 -18.12 -6.34 -5.00
CA HIS A 39 -17.35 -7.56 -4.78
C HIS A 39 -16.63 -7.52 -3.44
N LEU A 40 -17.40 -7.31 -2.39
CA LEU A 40 -16.85 -7.23 -1.04
C LEU A 40 -16.25 -8.58 -0.63
N ALA A 41 -15.06 -8.54 -0.01
CA ALA A 41 -14.41 -9.75 0.46
C ALA A 41 -15.35 -10.57 1.37
N GLY A 42 -15.33 -11.90 1.18
CA GLY A 42 -16.14 -12.83 1.97
C GLY A 42 -17.58 -12.95 1.50
N THR A 43 -17.98 -12.22 0.45
CA THR A 43 -19.37 -12.34 -0.03
C THR A 43 -19.48 -13.31 -1.20
N GLU A 44 -20.69 -13.82 -1.44
CA GLU A 44 -20.91 -14.74 -2.55
C GLU A 44 -20.54 -14.14 -3.93
N GLN A 45 -20.81 -12.86 -4.14
N GLN A 45 -20.87 -12.86 -4.14
CA GLN A 45 -20.49 -12.26 -5.42
CA GLN A 45 -20.49 -12.12 -5.36
C GLN A 45 -18.99 -12.17 -5.70
C GLN A 45 -18.99 -12.24 -5.67
N ASN A 46 -18.18 -12.01 -4.65
CA ASN A 46 -16.74 -12.06 -4.84
C ASN A 46 -16.21 -13.50 -5.07
N PHE A 47 -16.87 -14.49 -4.47
CA PHE A 47 -16.54 -15.90 -4.75
C PHE A 47 -16.91 -16.21 -6.22
N GLN A 48 -18.08 -15.76 -6.69
N GLN A 48 -18.09 -15.73 -6.63
CA GLN A 48 -18.43 -16.04 -8.10
CA GLN A 48 -18.56 -15.87 -8.02
C GLN A 48 -17.46 -15.36 -9.08
C GLN A 48 -17.54 -15.33 -9.03
N LEU A 49 -17.05 -14.13 -8.78
CA LEU A 49 -16.04 -13.47 -9.59
C LEU A 49 -14.72 -14.26 -9.59
N ALA A 50 -14.30 -14.73 -8.41
CA ALA A 50 -13.11 -15.62 -8.35
C ALA A 50 -13.22 -16.81 -9.31
N LYS A 51 -14.38 -17.46 -9.33
CA LYS A 51 -14.58 -18.61 -10.20
C LYS A 51 -14.56 -18.23 -11.68
N GLN A 52 -15.09 -17.04 -11.99
CA GLN A 52 -15.09 -16.54 -13.38
C GLN A 52 -13.64 -16.30 -13.84
N ILE A 53 -12.85 -15.66 -12.97
CA ILE A 53 -11.46 -15.35 -13.32
C ILE A 53 -10.67 -16.63 -13.49
N GLN A 54 -10.89 -17.56 -12.56
CA GLN A 54 -10.26 -18.89 -12.70
C GLN A 54 -10.57 -19.52 -14.06
N SER A 55 -11.85 -19.56 -14.43
CA SER A 55 -12.25 -20.11 -15.73
C SER A 55 -11.61 -19.38 -16.92
N GLN A 56 -11.63 -18.05 -16.87
CA GLN A 56 -11.07 -17.31 -17.99
C GLN A 56 -9.55 -17.43 -18.10
N TRP A 57 -8.83 -17.37 -16.98
CA TRP A 57 -7.39 -17.61 -17.05
C TRP A 57 -7.04 -18.98 -17.62
N LYS A 58 -7.84 -20.01 -17.34
CA LYS A 58 -7.64 -21.32 -18.00
C LYS A 58 -7.86 -21.26 -19.51
N GLU A 59 -8.95 -20.62 -19.95
N GLU A 59 -8.97 -20.63 -19.91
CA GLU A 59 -9.23 -20.50 -21.38
CA GLU A 59 -9.34 -20.40 -21.32
C GLU A 59 -8.18 -19.62 -22.06
C GLU A 59 -8.18 -19.67 -22.01
N PHE A 60 -7.63 -18.67 -21.31
CA PHE A 60 -6.56 -17.81 -21.83
C PHE A 60 -5.26 -18.60 -22.09
N GLY A 61 -5.12 -19.76 -21.46
CA GLY A 61 -4.04 -20.69 -21.77
C GLY A 61 -3.06 -21.01 -20.65
N LEU A 62 -3.33 -20.59 -19.41
CA LEU A 62 -2.42 -20.89 -18.30
C LEU A 62 -2.38 -22.40 -18.07
N ASP A 63 -1.22 -22.90 -17.65
CA ASP A 63 -1.04 -24.32 -17.36
C ASP A 63 -1.90 -24.85 -16.22
N SER A 64 -2.08 -24.06 -15.18
CA SER A 64 -2.87 -24.49 -14.04
C SER A 64 -3.44 -23.21 -13.42
N VAL A 65 -4.69 -23.25 -12.95
CA VAL A 65 -5.28 -22.13 -12.27
C VAL A 65 -6.13 -22.71 -11.13
N GLU A 66 -5.77 -22.35 -9.90
CA GLU A 66 -6.46 -22.90 -8.73
C GLU A 66 -6.97 -21.79 -7.81
N LEU A 67 -8.00 -22.10 -7.02
CA LEU A 67 -8.37 -21.24 -5.91
C LEU A 67 -7.62 -21.67 -4.63
N ALA A 68 -7.06 -20.71 -3.92
CA ALA A 68 -6.45 -20.99 -2.63
C ALA A 68 -7.35 -20.23 -1.64
N HIS A 69 -7.99 -20.98 -0.76
CA HIS A 69 -8.93 -20.35 0.19
C HIS A 69 -8.43 -20.42 1.63
N TYR A 70 -8.90 -19.51 2.48
CA TYR A 70 -8.45 -19.38 3.87
C TYR A 70 -9.68 -18.90 4.62
N ASP A 71 -9.69 -19.09 5.94
CA ASP A 71 -10.85 -18.63 6.75
C ASP A 71 -10.27 -17.61 7.70
N VAL A 72 -10.54 -16.32 7.42
CA VAL A 72 -9.87 -15.20 8.11
C VAL A 72 -10.89 -14.32 8.82
N LEU A 73 -10.41 -13.51 9.77
CA LEU A 73 -11.31 -12.61 10.49
C LEU A 73 -11.66 -11.45 9.56
N LEU A 74 -12.95 -11.27 9.27
CA LEU A 74 -13.40 -10.08 8.51
C LEU A 74 -14.36 -9.30 9.45
N SER A 75 -14.93 -8.22 8.96
CA SER A 75 -15.78 -7.34 9.75
C SER A 75 -16.86 -6.73 8.87
N TYR A 76 -18.09 -6.72 9.37
CA TYR A 76 -19.23 -6.21 8.65
C TYR A 76 -20.23 -5.48 9.56
N PRO A 77 -20.88 -4.45 9.03
CA PRO A 77 -21.98 -3.83 9.79
C PRO A 77 -23.11 -4.84 10.02
N ASN A 78 -23.88 -4.61 11.07
CA ASN A 78 -25.09 -5.37 11.31
C ASN A 78 -26.22 -4.78 10.45
N LYS A 79 -26.70 -5.57 9.48
CA LYS A 79 -27.79 -5.17 8.56
C LYS A 79 -29.07 -4.67 9.25
N THR A 80 -29.38 -5.21 10.44
CA THR A 80 -30.62 -4.80 11.11
C THR A 80 -30.41 -3.87 12.30
N HIS A 81 -29.19 -3.41 12.51
CA HIS A 81 -28.86 -2.50 13.60
C HIS A 81 -27.79 -1.54 13.09
N PRO A 82 -28.20 -0.54 12.28
CA PRO A 82 -27.23 0.32 11.57
C PRO A 82 -26.32 1.18 12.49
N ASN A 83 -25.08 1.41 12.02
CA ASN A 83 -24.11 2.30 12.68
C ASN A 83 -24.47 3.75 12.35
N TYR A 84 -24.39 4.65 13.34
CA TYR A 84 -24.55 6.09 13.09
C TYR A 84 -24.01 6.91 14.27
N ILE A 85 -23.90 8.22 14.07
CA ILE A 85 -23.46 9.10 15.13
C ILE A 85 -24.54 10.17 15.39
N SER A 86 -24.69 10.59 16.66
CA SER A 86 -25.63 11.65 17.02
C SER A 86 -24.99 12.81 17.74
N ILE A 87 -25.67 13.95 17.70
CA ILE A 87 -25.51 14.96 18.73
C ILE A 87 -26.73 14.71 19.61
N ILE A 88 -26.48 14.60 20.90
CA ILE A 88 -27.52 14.29 21.88
C ILE A 88 -27.63 15.49 22.84
N ASN A 89 -28.85 15.95 23.14
CA ASN A 89 -29.00 17.03 24.12
C ASN A 89 -29.01 16.54 25.58
N GLU A 90 -29.16 17.49 26.50
CA GLU A 90 -29.19 17.26 27.95
C GLU A 90 -30.13 16.11 28.37
N ASP A 91 -31.30 16.06 27.74
CA ASP A 91 -32.36 15.11 28.08
C ASP A 91 -32.08 13.73 27.50
N GLY A 92 -31.14 13.64 26.57
CA GLY A 92 -30.85 12.38 25.93
C GLY A 92 -31.61 12.22 24.62
N ASN A 93 -32.17 13.32 24.10
CA ASN A 93 -32.76 13.28 22.76
C ASN A 93 -31.67 13.41 21.69
N GLU A 94 -31.76 12.59 20.64
CA GLU A 94 -30.76 12.66 19.55
C GLU A 94 -31.30 13.66 18.55
N ILE A 95 -30.66 14.81 18.51
CA ILE A 95 -31.15 15.95 17.74
C ILE A 95 -30.57 16.07 16.32
N PHE A 96 -29.50 15.34 16.06
CA PHE A 96 -28.94 15.21 14.72
C PHE A 96 -28.36 13.80 14.57
N ASN A 97 -28.61 13.14 13.44
CA ASN A 97 -28.05 11.83 13.13
C ASN A 97 -27.30 11.89 11.83
N THR A 98 -26.12 11.26 11.80
CA THR A 98 -25.39 11.09 10.54
C THR A 98 -26.14 10.10 9.62
N SER A 99 -25.77 10.08 8.35
CA SER A 99 -26.51 9.30 7.36
C SER A 99 -26.33 7.79 7.57
N LEU A 100 -27.29 6.99 7.14
CA LEU A 100 -27.19 5.53 7.26
C LEU A 100 -26.60 4.89 5.99
N PHE A 101 -26.47 5.67 4.91
CA PHE A 101 -25.90 5.18 3.64
C PHE A 101 -25.59 6.39 2.74
N GLU A 102 -24.73 6.20 1.75
CA GLU A 102 -24.50 7.23 0.73
C GLU A 102 -25.64 7.20 -0.29
N PRO A 103 -26.15 8.38 -0.68
CA PRO A 103 -27.18 8.35 -1.74
C PRO A 103 -26.61 7.66 -3.01
N PRO A 104 -27.29 6.62 -3.50
CA PRO A 104 -26.62 5.91 -4.60
C PRO A 104 -26.58 6.71 -5.93
N PRO A 105 -25.52 6.48 -6.75
CA PRO A 105 -25.38 7.21 -8.02
C PRO A 105 -26.47 6.84 -9.04
N PRO A 106 -26.69 7.70 -10.05
CA PRO A 106 -27.75 7.48 -11.04
C PRO A 106 -27.77 6.07 -11.68
N GLY A 107 -28.94 5.44 -11.72
CA GLY A 107 -29.07 4.10 -12.30
C GLY A 107 -28.67 2.94 -11.36
N TYR A 108 -28.08 3.25 -10.20
CA TYR A 108 -27.70 2.22 -9.20
C TYR A 108 -28.57 2.25 -7.95
N GLU A 109 -29.56 3.12 -7.95
CA GLU A 109 -30.36 3.34 -6.76
C GLU A 109 -31.11 2.05 -6.36
N ASN A 110 -31.10 1.04 -7.23
CA ASN A 110 -31.71 -0.27 -6.92
C ASN A 110 -30.74 -1.46 -6.74
N VAL A 111 -29.45 -1.17 -6.77
CA VAL A 111 -28.46 -2.21 -6.61
C VAL A 111 -28.44 -2.69 -5.14
N SER A 112 -28.49 -4.01 -4.98
CA SER A 112 -28.46 -4.60 -3.64
C SER A 112 -27.00 -4.83 -3.14
N ASP A 113 -26.88 -4.98 -1.83
CA ASP A 113 -25.64 -5.40 -1.21
C ASP A 113 -24.54 -4.33 -1.31
N ILE A 114 -24.91 -3.05 -1.32
CA ILE A 114 -23.92 -2.01 -1.13
C ILE A 114 -23.65 -1.89 0.36
N VAL A 115 -22.44 -2.24 0.81
CA VAL A 115 -22.18 -2.09 2.24
C VAL A 115 -22.22 -0.61 2.67
N PRO A 116 -22.97 -0.29 3.74
CA PRO A 116 -22.98 1.12 4.17
C PRO A 116 -21.59 1.50 4.67
N PRO A 117 -21.26 2.80 4.67
CA PRO A 117 -19.94 3.20 5.19
C PRO A 117 -19.73 2.70 6.63
N PHE A 118 -18.54 2.19 6.91
CA PHE A 118 -18.18 1.77 8.24
C PHE A 118 -16.68 1.65 8.28
N SER A 119 -16.12 1.58 9.49
CA SER A 119 -14.69 1.31 9.61
C SER A 119 -14.51 -0.15 9.96
N ALA A 120 -13.92 -0.93 9.06
CA ALA A 120 -13.82 -2.35 9.32
C ALA A 120 -12.95 -2.61 10.52
N PHE A 121 -13.40 -3.55 11.35
CA PHE A 121 -12.76 -3.97 12.61
C PHE A 121 -12.98 -3.04 13.82
N SER A 122 -13.74 -1.95 13.67
CA SER A 122 -14.20 -1.23 14.87
C SER A 122 -14.86 -2.19 15.88
N PRO A 123 -14.53 -2.04 17.18
CA PRO A 123 -15.35 -2.74 18.15
C PRO A 123 -16.72 -2.09 18.29
N GLN A 124 -17.63 -2.83 18.90
CA GLN A 124 -18.97 -2.32 19.22
C GLN A 124 -18.91 -1.36 20.37
N GLY A 125 -19.83 -0.42 20.41
CA GLY A 125 -19.95 0.46 21.57
C GLY A 125 -20.88 1.62 21.28
N MET A 126 -21.27 2.32 22.35
CA MET A 126 -22.06 3.51 22.21
C MET A 126 -21.50 4.66 23.05
N PRO A 127 -20.22 5.02 22.88
CA PRO A 127 -19.71 6.03 23.79
C PRO A 127 -20.26 7.44 23.49
N GLU A 128 -20.29 8.24 24.55
CA GLU A 128 -20.95 9.52 24.58
C GLU A 128 -19.95 10.48 25.22
N GLY A 129 -19.74 11.65 24.63
CA GLY A 129 -18.74 12.54 25.19
C GLY A 129 -18.54 13.82 24.43
N ASP A 130 -17.50 14.57 24.82
CA ASP A 130 -17.18 15.83 24.16
C ASP A 130 -16.15 15.58 23.05
N LEU A 131 -16.26 16.36 21.98
CA LEU A 131 -15.38 16.22 20.83
C LEU A 131 -14.10 17.01 20.99
N VAL A 132 -13.01 16.41 20.53
CA VAL A 132 -11.76 17.14 20.30
C VAL A 132 -11.39 16.93 18.83
N TYR A 133 -11.06 18.03 18.15
CA TYR A 133 -10.67 17.98 16.76
C TYR A 133 -9.15 17.91 16.69
N VAL A 134 -8.63 16.90 16.00
CA VAL A 134 -7.19 16.57 16.06
C VAL A 134 -6.51 16.67 14.68
N ASN A 135 -7.08 17.48 13.78
CA ASN A 135 -6.53 17.65 12.44
C ASN A 135 -6.49 16.28 11.72
N TYR A 136 -5.31 15.85 11.24
CA TYR A 136 -5.20 14.57 10.57
C TYR A 136 -4.89 13.42 11.51
N ALA A 137 -4.92 13.67 12.82
CA ALA A 137 -4.63 12.66 13.82
C ALA A 137 -3.23 12.02 13.62
N ARG A 138 -2.29 12.81 13.09
CA ARG A 138 -0.90 12.35 12.96
C ARG A 138 -0.16 12.42 14.28
N THR A 139 0.95 11.68 14.35
CA THR A 139 1.85 11.81 15.51
C THR A 139 2.12 13.26 15.89
N GLU A 140 2.51 14.08 14.91
CA GLU A 140 2.80 15.50 15.19
C GLU A 140 1.56 16.33 15.60
N ASP A 141 0.37 15.91 15.13
CA ASP A 141 -0.87 16.59 15.58
C ASP A 141 -1.15 16.33 17.06
N PHE A 142 -1.02 15.08 17.51
CA PHE A 142 -1.10 14.79 18.96
C PHE A 142 0.01 15.45 19.79
N PHE A 143 1.23 15.50 19.27
CA PHE A 143 2.29 16.28 19.96
C PHE A 143 1.85 17.75 20.19
N LYS A 144 1.36 18.39 19.13
CA LYS A 144 0.93 19.79 19.13
C LYS A 144 -0.19 20.01 20.17
N LEU A 145 -1.18 19.12 20.18
CA LEU A 145 -2.27 19.15 21.16
C LEU A 145 -1.84 18.96 22.60
N GLU A 146 -1.11 17.88 22.87
N GLU A 146 -1.15 17.85 22.90
CA GLU A 146 -0.75 17.50 24.23
CA GLU A 146 -0.74 17.53 24.28
C GLU A 146 0.41 18.32 24.83
C GLU A 146 0.35 18.48 24.78
N ARG A 147 1.44 18.57 24.02
CA ARG A 147 2.65 19.26 24.48
C ARG A 147 2.60 20.78 24.37
N ASP A 148 2.04 21.29 23.27
CA ASP A 148 2.02 22.74 23.05
C ASP A 148 0.73 23.39 23.53
N MET A 149 -0.40 22.74 23.28
CA MET A 149 -1.70 23.35 23.58
C MET A 149 -2.25 22.88 24.91
N LYS A 150 -1.64 21.83 25.47
CA LYS A 150 -2.04 21.25 26.77
C LYS A 150 -3.47 20.75 26.76
N ILE A 151 -3.91 20.22 25.62
CA ILE A 151 -5.25 19.62 25.53
C ILE A 151 -5.20 18.13 25.77
N ASN A 152 -6.07 17.64 26.63
CA ASN A 152 -6.05 16.24 27.02
C ASN A 152 -7.21 15.49 26.32
N CYS A 153 -6.86 14.48 25.51
CA CYS A 153 -7.87 13.74 24.76
C CYS A 153 -8.48 12.61 25.56
N SER A 154 -7.99 12.40 26.77
CA SER A 154 -8.43 11.27 27.56
C SER A 154 -9.94 11.36 27.83
N GLY A 155 -10.66 10.27 27.51
CA GLY A 155 -12.11 10.24 27.69
C GLY A 155 -12.91 11.07 26.69
N LYS A 156 -12.25 11.66 25.70
CA LYS A 156 -12.93 12.45 24.64
C LYS A 156 -13.20 11.61 23.39
N ILE A 157 -14.17 12.05 22.59
CA ILE A 157 -14.32 11.52 21.23
C ILE A 157 -13.51 12.41 20.30
N VAL A 158 -12.59 11.79 19.57
CA VAL A 158 -11.76 12.57 18.68
C VAL A 158 -12.42 12.60 17.30
N ILE A 159 -12.42 13.76 16.67
CA ILE A 159 -12.81 13.83 15.27
C ILE A 159 -11.59 14.24 14.47
N ALA A 160 -11.32 13.48 13.41
CA ALA A 160 -10.12 13.68 12.62
C ALA A 160 -10.47 13.67 11.14
N ARG A 161 -9.83 14.55 10.38
CA ARG A 161 -9.98 14.44 8.93
C ARG A 161 -9.07 13.38 8.32
N TYR A 162 -9.62 12.67 7.33
CA TYR A 162 -8.85 11.69 6.56
C TYR A 162 -7.76 12.42 5.81
N GLY A 163 -6.69 11.70 5.45
CA GLY A 163 -5.65 12.28 4.58
C GLY A 163 -4.28 12.15 5.22
N LYS A 164 -3.22 12.24 4.39
CA LYS A 164 -1.79 12.31 4.84
C LYS A 164 -1.21 11.02 5.32
N VAL A 165 -1.98 10.28 6.11
CA VAL A 165 -1.48 8.99 6.69
C VAL A 165 -2.57 7.96 6.69
N PHE A 166 -2.15 6.69 6.71
CA PHE A 166 -3.08 5.56 6.80
C PHE A 166 -4.02 5.69 7.99
N ARG A 167 -5.30 5.40 7.76
CA ARG A 167 -6.32 5.72 8.78
C ARG A 167 -6.12 4.84 10.06
N GLY A 168 -5.49 3.68 9.88
CA GLY A 168 -5.16 2.78 11.02
C GLY A 168 -4.17 3.47 11.97
N ASN A 169 -3.18 4.22 11.41
CA ASN A 169 -2.30 5.00 12.26
C ASN A 169 -3.02 6.10 13.06
N LYS A 170 -4.00 6.75 12.43
CA LYS A 170 -4.83 7.77 13.12
C LYS A 170 -5.50 7.16 14.36
N VAL A 171 -6.08 5.98 14.17
CA VAL A 171 -6.83 5.34 15.24
C VAL A 171 -5.84 4.90 16.35
N LYS A 172 -4.69 4.34 15.94
CA LYS A 172 -3.67 4.00 16.94
C LYS A 172 -3.27 5.23 17.76
N ASN A 173 -3.00 6.35 17.08
CA ASN A 173 -2.61 7.60 17.76
C ASN A 173 -3.70 8.11 18.72
N ALA A 174 -4.95 8.06 18.27
CA ALA A 174 -6.08 8.48 19.12
C ALA A 174 -6.21 7.60 20.37
N GLN A 175 -6.09 6.29 20.16
CA GLN A 175 -6.13 5.30 21.26
C GLN A 175 -5.06 5.61 22.31
N LEU A 176 -3.82 5.82 21.87
CA LEU A 176 -2.73 6.14 22.79
C LEU A 176 -2.88 7.48 23.51
N ALA A 177 -3.64 8.38 22.91
CA ALA A 177 -3.92 9.66 23.54
C ALA A 177 -5.07 9.53 24.54
N GLY A 178 -5.68 8.33 24.65
CA GLY A 178 -6.76 8.11 25.60
C GLY A 178 -8.16 8.36 25.09
N ALA A 179 -8.34 8.53 23.77
CA ALA A 179 -9.69 8.81 23.22
C ALA A 179 -10.61 7.63 23.50
N LYS A 180 -11.90 7.89 23.63
CA LYS A 180 -12.85 6.79 23.76
C LYS A 180 -13.63 6.49 22.48
N GLY A 181 -13.37 7.25 21.44
CA GLY A 181 -13.90 6.89 20.12
C GLY A 181 -13.31 7.81 19.07
N VAL A 182 -13.44 7.45 17.80
CA VAL A 182 -12.85 8.23 16.72
C VAL A 182 -13.88 8.37 15.61
N ILE A 183 -14.04 9.60 15.14
CA ILE A 183 -14.88 9.91 14.00
C ILE A 183 -13.94 10.40 12.91
N LEU A 184 -13.98 9.71 11.78
CA LEU A 184 -13.17 10.10 10.62
C LEU A 184 -14.06 10.78 9.58
N TYR A 185 -13.56 11.84 8.93
CA TYR A 185 -14.40 12.48 7.91
C TYR A 185 -13.56 12.96 6.75
N SER A 186 -14.21 13.17 5.60
CA SER A 186 -13.51 13.65 4.42
C SER A 186 -13.70 15.15 4.25
N ASP A 187 -12.62 15.92 4.43
CA ASP A 187 -12.71 17.38 4.29
C ASP A 187 -12.56 17.78 2.82
N PRO A 188 -13.40 18.74 2.35
CA PRO A 188 -13.22 19.26 0.99
C PRO A 188 -11.80 19.73 0.72
N ALA A 189 -11.10 20.24 1.74
CA ALA A 189 -9.69 20.63 1.49
C ALA A 189 -8.86 19.48 0.87
N ASP A 190 -9.17 18.25 1.26
CA ASP A 190 -8.43 17.08 0.81
C ASP A 190 -9.09 16.27 -0.29
N TYR A 191 -10.42 16.36 -0.39
CA TYR A 191 -11.14 15.50 -1.33
C TYR A 191 -12.06 16.25 -2.30
N PHE A 192 -11.78 17.53 -2.53
CA PHE A 192 -12.62 18.27 -3.47
C PHE A 192 -11.68 19.24 -4.19
N ALA A 193 -11.32 18.87 -5.41
CA ALA A 193 -10.43 19.69 -6.21
C ALA A 193 -11.17 20.93 -6.72
N PRO A 194 -10.57 22.13 -6.55
CA PRO A 194 -11.13 23.38 -7.06
C PRO A 194 -11.55 23.33 -8.54
N GLY A 195 -12.77 23.78 -8.84
CA GLY A 195 -13.28 23.93 -10.22
C GLY A 195 -13.71 22.65 -10.95
N VAL A 196 -13.77 21.53 -10.22
CA VAL A 196 -14.30 20.27 -10.76
C VAL A 196 -15.64 19.95 -10.07
N LYS A 197 -16.57 19.37 -10.82
CA LYS A 197 -17.89 19.06 -10.32
C LYS A 197 -17.89 17.76 -9.49
N SER A 198 -18.79 17.68 -8.52
CA SER A 198 -19.13 16.48 -7.76
C SER A 198 -19.68 15.38 -8.68
N TYR A 199 -19.41 14.11 -8.33
CA TYR A 199 -20.07 12.96 -8.92
C TYR A 199 -21.59 13.13 -8.82
N PRO A 200 -22.35 12.83 -9.89
CA PRO A 200 -22.03 12.17 -11.17
C PRO A 200 -21.53 13.09 -12.32
N ASP A 201 -21.33 14.38 -12.04
CA ASP A 201 -20.99 15.34 -13.10
C ASP A 201 -19.50 15.67 -13.20
N GLY A 202 -18.71 15.11 -12.29
CA GLY A 202 -17.26 15.24 -12.30
C GLY A 202 -16.70 14.25 -11.29
N TRP A 203 -15.41 14.36 -11.01
CA TRP A 203 -14.75 13.36 -10.20
C TRP A 203 -14.59 13.70 -8.71
N ASN A 204 -15.25 14.77 -8.27
CA ASN A 204 -15.18 15.21 -6.86
C ASN A 204 -16.14 14.49 -5.95
N LEU A 205 -15.79 14.46 -4.66
CA LEU A 205 -16.60 13.85 -3.61
C LEU A 205 -17.79 14.74 -3.23
N PRO A 206 -19.02 14.20 -3.35
CA PRO A 206 -20.15 14.95 -2.82
C PRO A 206 -20.22 14.95 -1.29
N GLY A 207 -20.97 15.90 -0.74
CA GLY A 207 -21.16 16.05 0.72
C GLY A 207 -21.65 14.78 1.43
N GLY A 208 -22.34 13.90 0.71
CA GLY A 208 -22.85 12.64 1.27
C GLY A 208 -21.94 11.43 1.04
N GLY A 209 -20.84 11.64 0.32
CA GLY A 209 -19.87 10.56 0.05
C GLY A 209 -19.01 10.29 1.27
N VAL A 210 -18.65 9.03 1.43
CA VAL A 210 -17.92 8.57 2.61
C VAL A 210 -16.88 7.52 2.17
N GLN A 211 -15.69 7.62 2.78
CA GLN A 211 -14.60 6.70 2.52
C GLN A 211 -14.68 5.53 3.53
N ARG A 212 -14.95 4.34 3.01
CA ARG A 212 -14.80 3.12 3.81
C ARG A 212 -13.31 2.81 4.06
N GLY A 213 -13.04 1.83 4.93
CA GLY A 213 -11.68 1.28 5.01
C GLY A 213 -11.36 0.66 6.37
N ASN A 214 -10.41 -0.28 6.37
CA ASN A 214 -10.05 -0.92 7.63
C ASN A 214 -9.15 0.00 8.47
N ILE A 215 -9.20 -0.15 9.78
CA ILE A 215 -8.43 0.67 10.70
C ILE A 215 -7.54 -0.24 11.58
N LEU A 216 -7.08 -1.35 11.01
CA LEU A 216 -6.20 -2.28 11.79
C LEU A 216 -4.79 -1.73 11.89
N ASN A 217 -4.02 -2.23 12.85
CA ASN A 217 -2.56 -2.02 12.87
C ASN A 217 -1.89 -3.39 12.95
N LEU A 218 -1.84 -4.09 11.82
CA LEU A 218 -1.37 -5.47 11.75
C LEU A 218 0.14 -5.57 11.75
N ASN A 219 0.80 -4.52 11.30
CA ASN A 219 2.29 -4.58 11.11
C ASN A 219 2.77 -5.82 10.31
N GLY A 220 2.02 -6.18 9.26
CA GLY A 220 2.43 -7.25 8.37
C GLY A 220 1.95 -8.62 8.83
N ALA A 221 1.17 -8.71 9.90
CA ALA A 221 0.75 -10.04 10.45
C ALA A 221 -0.22 -10.84 9.54
N GLY A 222 -1.01 -10.16 8.71
CA GLY A 222 -2.07 -10.86 7.95
C GLY A 222 -3.28 -11.11 8.85
N ASP A 223 -3.97 -12.25 8.70
CA ASP A 223 -5.21 -12.50 9.48
C ASP A 223 -4.93 -12.31 10.96
N PRO A 224 -5.73 -11.47 11.66
CA PRO A 224 -5.47 -11.18 13.06
C PRO A 224 -5.37 -12.43 13.94
N LEU A 225 -6.04 -13.51 13.57
CA LEU A 225 -6.13 -14.72 14.43
C LEU A 225 -5.01 -15.71 14.24
N THR A 226 -4.27 -15.62 13.13
CA THR A 226 -3.29 -16.68 12.81
C THR A 226 -1.89 -16.17 12.42
N PRO A 227 -1.32 -15.25 13.22
CA PRO A 227 -0.02 -14.69 12.75
C PRO A 227 1.09 -15.75 12.63
N GLY A 228 1.78 -15.76 11.48
CA GLY A 228 2.85 -16.76 11.26
C GLY A 228 2.48 -17.93 10.36
N TYR A 229 1.18 -18.26 10.30
CA TYR A 229 0.76 -19.53 9.72
C TYR A 229 -0.51 -19.32 8.88
N PRO A 230 -0.68 -20.06 7.79
CA PRO A 230 -1.89 -19.84 7.01
C PRO A 230 -3.18 -20.27 7.74
N ALA A 231 -4.23 -19.51 7.51
CA ALA A 231 -5.53 -19.76 8.13
C ALA A 231 -6.29 -20.86 7.37
N ASN A 232 -5.71 -22.05 7.41
CA ASN A 232 -6.26 -23.22 6.72
C ASN A 232 -7.32 -23.94 7.57
N GLU A 233 -7.74 -25.12 7.11
CA GLU A 233 -8.87 -25.78 7.76
C GLU A 233 -8.56 -26.20 9.19
N TYR A 234 -7.32 -26.51 9.51
CA TYR A 234 -7.05 -27.02 10.87
C TYR A 234 -6.33 -26.03 11.75
N ALA A 235 -6.29 -24.75 11.34
CA ALA A 235 -5.45 -23.75 12.01
C ALA A 235 -5.95 -23.53 13.44
N TYR A 236 -5.01 -23.34 14.37
CA TYR A 236 -5.38 -22.96 15.73
C TYR A 236 -5.46 -21.43 15.68
N ARG A 237 -6.55 -20.90 16.18
CA ARG A 237 -6.78 -19.46 16.13
C ARG A 237 -6.63 -18.85 17.51
N ARG A 238 -5.97 -17.72 17.60
CA ARG A 238 -6.02 -16.93 18.82
C ARG A 238 -7.46 -16.58 19.18
N GLY A 239 -7.72 -16.41 20.49
CA GLY A 239 -8.96 -15.75 20.89
C GLY A 239 -8.94 -14.28 20.45
N ILE A 240 -10.12 -13.71 20.23
CA ILE A 240 -10.25 -12.28 19.88
C ILE A 240 -9.41 -11.35 20.76
N ALA A 241 -9.37 -11.59 22.07
CA ALA A 241 -8.62 -10.71 23.00
C ALA A 241 -7.12 -10.73 22.78
N GLU A 242 -6.62 -11.78 22.13
CA GLU A 242 -5.21 -11.88 21.78
C GLU A 242 -4.96 -11.62 20.26
N ALA A 243 -6.02 -11.28 19.52
CA ALA A 243 -5.91 -11.03 18.08
C ALA A 243 -4.89 -9.90 17.79
N VAL A 244 -4.29 -9.93 16.60
CA VAL A 244 -3.32 -8.91 16.23
C VAL A 244 -4.05 -7.71 15.66
N GLY A 245 -3.72 -6.52 16.18
CA GLY A 245 -4.00 -5.24 15.45
C GLY A 245 -5.37 -4.59 15.53
N LEU A 246 -6.27 -5.16 16.36
CA LEU A 246 -7.66 -4.65 16.47
C LEU A 246 -7.69 -3.37 17.28
N PRO A 247 -8.53 -2.38 16.88
CA PRO A 247 -8.63 -1.16 17.68
C PRO A 247 -9.45 -1.42 18.92
N SER A 248 -9.13 -0.69 19.99
N SER A 248 -9.17 -0.72 20.02
CA SER A 248 -9.82 -0.85 21.26
CA SER A 248 -9.96 -0.94 21.22
C SER A 248 -11.02 0.08 21.45
C SER A 248 -11.04 0.11 21.48
N ILE A 249 -11.20 1.06 20.56
CA ILE A 249 -12.30 2.08 20.67
C ILE A 249 -13.11 2.13 19.38
N PRO A 250 -14.42 2.42 19.48
CA PRO A 250 -15.23 2.52 18.25
C PRO A 250 -14.79 3.63 17.31
N VAL A 251 -14.97 3.39 16.01
CA VAL A 251 -14.55 4.28 14.95
C VAL A 251 -15.60 4.22 13.82
N HIS A 252 -15.87 5.37 13.21
CA HIS A 252 -16.85 5.45 12.12
C HIS A 252 -16.52 6.62 11.19
N PRO A 253 -16.69 6.42 9.87
CA PRO A 253 -16.40 7.46 8.88
C PRO A 253 -17.67 8.17 8.43
N ILE A 254 -17.57 9.47 8.17
CA ILE A 254 -18.72 10.28 7.71
C ILE A 254 -18.26 11.20 6.58
N GLY A 255 -19.22 11.73 5.84
CA GLY A 255 -18.93 12.73 4.81
C GLY A 255 -18.95 14.14 5.33
N TYR A 256 -18.67 15.11 4.44
CA TYR A 256 -18.51 16.47 4.92
C TYR A 256 -19.80 17.26 5.21
N TYR A 257 -20.94 16.84 4.65
CA TYR A 257 -22.21 17.43 5.13
C TYR A 257 -22.44 17.11 6.62
N ASP A 258 -22.22 15.85 7.00
CA ASP A 258 -22.37 15.43 8.38
C ASP A 258 -21.27 15.99 9.29
N ALA A 259 -20.03 16.00 8.79
CA ALA A 259 -18.94 16.60 9.55
C ALA A 259 -19.20 18.06 9.91
N GLN A 260 -19.74 18.84 8.98
CA GLN A 260 -20.04 20.24 9.24
C GLN A 260 -21.00 20.40 10.44
N LYS A 261 -21.99 19.50 10.52
CA LYS A 261 -22.94 19.55 11.62
C LYS A 261 -22.28 19.26 12.97
N LEU A 262 -21.28 18.38 12.97
CA LEU A 262 -20.50 18.07 14.17
C LEU A 262 -19.47 19.16 14.50
N LEU A 263 -18.84 19.76 13.48
CA LEU A 263 -17.79 20.75 13.74
C LEU A 263 -18.30 22.15 14.03
N GLU A 264 -19.44 22.54 13.46
CA GLU A 264 -19.86 23.94 13.51
C GLU A 264 -20.08 24.49 14.94
N LYS A 265 -20.37 23.59 15.88
CA LYS A 265 -20.67 24.03 17.24
C LYS A 265 -19.42 24.03 18.11
N MET A 266 -18.31 23.53 17.59
CA MET A 266 -17.10 23.34 18.41
C MET A 266 -16.57 24.63 19.06
N GLY A 267 -16.18 24.51 20.33
CA GLY A 267 -15.69 25.63 21.10
C GLY A 267 -14.29 25.37 21.62
N GLY A 268 -14.03 25.82 22.85
CA GLY A 268 -12.68 25.65 23.42
C GLY A 268 -11.66 26.46 22.64
N SER A 269 -10.47 25.89 22.48
CA SER A 269 -9.35 26.61 21.89
C SER A 269 -9.45 26.76 20.37
N ALA A 270 -9.00 27.91 19.86
CA ALA A 270 -8.83 28.12 18.43
C ALA A 270 -7.85 27.09 17.83
N PRO A 271 -7.92 26.82 16.49
CA PRO A 271 -6.89 25.99 15.87
C PRO A 271 -5.51 26.66 16.00
N PRO A 272 -4.43 25.87 16.15
CA PRO A 272 -3.17 26.59 16.44
C PRO A 272 -2.63 27.41 15.26
N ASP A 273 -2.99 27.03 14.04
CA ASP A 273 -2.53 27.71 12.84
C ASP A 273 -3.32 27.21 11.62
N SER A 274 -3.03 27.74 10.44
CA SER A 274 -3.85 27.48 9.25
C SER A 274 -3.71 26.03 8.70
N SER A 275 -2.65 25.33 9.07
CA SER A 275 -2.49 23.94 8.61
C SER A 275 -3.49 22.98 9.30
N TRP A 276 -4.19 23.51 10.30
CA TRP A 276 -5.26 22.81 11.03
C TRP A 276 -6.66 23.10 10.48
N ARG A 277 -6.78 24.12 9.61
CA ARG A 277 -8.07 24.49 9.04
C ARG A 277 -8.29 23.83 7.66
N GLY A 278 -9.41 23.11 7.51
CA GLY A 278 -9.84 22.64 6.21
C GLY A 278 -10.63 23.69 5.45
N SER A 279 -11.54 23.24 4.58
CA SER A 279 -12.26 24.16 3.68
C SER A 279 -13.72 24.40 4.07
N LEU A 280 -14.20 23.76 5.14
CA LEU A 280 -15.58 23.99 5.54
C LEU A 280 -15.74 25.37 6.20
N LYS A 281 -16.96 25.88 6.21
CA LYS A 281 -17.24 27.16 6.84
C LYS A 281 -17.47 26.96 8.33
N VAL A 282 -16.39 26.61 9.02
CA VAL A 282 -16.41 26.39 10.47
C VAL A 282 -15.09 26.92 11.04
N PRO A 283 -15.06 27.19 12.36
CA PRO A 283 -13.79 27.75 12.91
C PRO A 283 -12.64 26.72 12.98
N TYR A 284 -12.98 25.43 13.01
CA TYR A 284 -11.98 24.37 13.24
C TYR A 284 -11.36 24.46 14.62
N ASN A 285 -12.16 24.91 15.58
CA ASN A 285 -11.79 24.94 16.99
C ASN A 285 -11.45 23.53 17.41
N VAL A 286 -10.41 23.41 18.23
N VAL A 286 -10.41 23.37 18.23
CA VAL A 286 -9.95 22.11 18.70
CA VAL A 286 -10.01 22.05 18.66
C VAL A 286 -10.86 21.53 19.80
C VAL A 286 -10.80 21.52 19.86
N GLY A 287 -11.57 22.39 20.52
CA GLY A 287 -12.41 21.95 21.62
C GLY A 287 -11.60 21.99 22.90
N PRO A 288 -11.89 21.07 23.85
CA PRO A 288 -12.95 20.05 23.88
C PRO A 288 -14.34 20.64 23.95
N GLY A 289 -15.31 19.94 23.36
CA GLY A 289 -16.72 20.31 23.52
C GLY A 289 -17.20 21.49 22.69
N PHE A 290 -18.48 21.81 22.83
CA PHE A 290 -19.13 22.86 22.03
C PHE A 290 -19.14 24.22 22.75
N THR A 291 -19.39 25.30 22.00
CA THR A 291 -19.44 26.67 22.54
C THR A 291 -20.61 26.86 23.50
N GLY A 292 -20.49 27.89 24.34
CA GLY A 292 -21.45 28.23 25.38
C GLY A 292 -22.85 27.65 25.37
N ASN A 293 -23.65 28.05 24.39
CA ASN A 293 -25.07 27.64 24.32
C ASN A 293 -25.27 26.14 24.20
N PHE A 294 -24.31 25.47 23.58
CA PHE A 294 -24.43 24.07 23.28
C PHE A 294 -23.54 23.21 24.18
N SER A 295 -23.06 23.77 25.29
CA SER A 295 -22.06 23.08 26.12
C SER A 295 -22.61 21.84 26.81
N THR A 296 -23.93 21.70 26.86
CA THR A 296 -24.55 20.53 27.50
C THR A 296 -24.87 19.41 26.52
N GLN A 297 -24.72 19.69 25.23
CA GLN A 297 -24.89 18.70 24.20
C GLN A 297 -23.61 17.86 24.10
N LYS A 298 -23.77 16.61 23.69
CA LYS A 298 -22.65 15.67 23.55
C LYS A 298 -22.75 14.94 22.22
N VAL A 299 -21.66 14.29 21.82
CA VAL A 299 -21.68 13.45 20.65
C VAL A 299 -21.76 11.99 21.11
N LYS A 300 -22.62 11.19 20.48
CA LYS A 300 -22.81 9.79 20.80
C LYS A 300 -22.62 8.91 19.55
N MET A 301 -21.74 7.92 19.65
CA MET A 301 -21.55 6.96 18.57
C MET A 301 -22.41 5.71 18.81
N HIS A 302 -22.83 5.06 17.72
CA HIS A 302 -23.56 3.81 17.84
C HIS A 302 -22.94 2.82 16.87
N ILE A 303 -22.05 1.97 17.36
CA ILE A 303 -21.37 0.99 16.49
C ILE A 303 -21.71 -0.44 16.88
N HIS A 304 -22.18 -1.20 15.90
CA HIS A 304 -22.69 -2.57 16.14
C HIS A 304 -22.13 -3.60 15.15
N SER A 305 -21.06 -3.20 14.46
CA SER A 305 -20.39 -4.09 13.50
C SER A 305 -19.90 -5.32 14.24
N THR A 306 -19.73 -6.44 13.52
CA THR A 306 -19.21 -7.67 14.15
C THR A 306 -18.03 -8.22 13.36
N ASN A 307 -17.08 -8.82 14.08
CA ASN A 307 -15.94 -9.46 13.41
C ASN A 307 -16.32 -10.91 13.24
N GLU A 308 -16.07 -11.51 12.08
CA GLU A 308 -16.57 -12.88 11.84
C GLU A 308 -15.54 -13.62 10.98
N VAL A 309 -15.18 -14.83 11.34
CA VAL A 309 -14.23 -15.63 10.54
C VAL A 309 -15.01 -16.04 9.28
N THR A 310 -14.43 -15.73 8.12
CA THR A 310 -15.16 -15.83 6.85
C THR A 310 -14.21 -16.40 5.79
N ARG A 311 -14.73 -17.16 4.84
CA ARG A 311 -13.86 -17.73 3.79
C ARG A 311 -13.50 -16.72 2.69
N ILE A 312 -12.24 -16.73 2.28
CA ILE A 312 -11.78 -15.83 1.20
C ILE A 312 -11.07 -16.75 0.19
N TYR A 313 -10.97 -16.26 -1.04
CA TYR A 313 -10.46 -17.03 -2.17
C TYR A 313 -9.46 -16.26 -3.01
N ASN A 314 -8.21 -16.72 -3.06
CA ASN A 314 -7.26 -16.20 -4.05
C ASN A 314 -7.32 -17.05 -5.32
N VAL A 315 -7.12 -16.41 -6.48
CA VAL A 315 -6.96 -17.19 -7.73
C VAL A 315 -5.46 -17.18 -8.07
N ILE A 316 -4.91 -18.36 -8.23
CA ILE A 316 -3.46 -18.53 -8.48
C ILE A 316 -3.30 -19.24 -9.83
N GLY A 317 -2.73 -18.51 -10.79
CA GLY A 317 -2.51 -19.01 -12.17
C GLY A 317 -1.02 -19.24 -12.40
N THR A 318 -0.65 -20.33 -13.06
CA THR A 318 0.77 -20.66 -13.29
C THR A 318 1.03 -20.77 -14.79
N LEU A 319 2.11 -20.14 -15.25
CA LEU A 319 2.60 -20.30 -16.61
C LEU A 319 4.01 -20.86 -16.45
N ARG A 320 4.16 -22.18 -16.64
CA ARG A 320 5.44 -22.84 -16.34
C ARG A 320 6.60 -22.38 -17.25
N GLY A 321 7.74 -22.06 -16.63
CA GLY A 321 8.97 -21.69 -17.29
C GLY A 321 9.55 -22.84 -18.15
N ALA A 322 10.10 -22.51 -19.30
CA ALA A 322 10.73 -23.53 -20.21
C ALA A 322 12.08 -24.01 -19.68
N VAL A 323 12.81 -23.10 -19.04
CA VAL A 323 14.22 -23.37 -18.70
C VAL A 323 14.45 -23.40 -17.17
N GLU A 324 13.85 -22.44 -16.46
CA GLU A 324 13.96 -22.39 -15.01
C GLU A 324 12.57 -22.37 -14.39
N PRO A 325 11.86 -23.52 -14.44
CA PRO A 325 10.50 -23.55 -13.90
C PRO A 325 10.49 -23.33 -12.38
N ASP A 326 11.64 -23.54 -11.70
CA ASP A 326 11.74 -23.36 -10.22
C ASP A 326 12.18 -21.93 -9.85
N ARG A 327 11.91 -20.98 -10.74
CA ARG A 327 12.16 -19.57 -10.49
C ARG A 327 10.86 -18.85 -10.79
N TYR A 328 10.36 -18.08 -9.83
CA TYR A 328 8.99 -17.47 -9.94
C TYR A 328 9.02 -15.98 -10.03
N VAL A 329 8.35 -15.47 -11.09
CA VAL A 329 8.09 -14.04 -11.21
C VAL A 329 6.59 -13.92 -10.99
N ILE A 330 6.21 -13.10 -10.02
CA ILE A 330 4.81 -13.01 -9.59
C ILE A 330 4.18 -11.68 -9.96
N LEU A 331 3.01 -11.73 -10.61
CA LEU A 331 2.22 -10.55 -10.88
C LEU A 331 0.96 -10.74 -10.09
N GLY A 332 0.75 -9.89 -9.08
CA GLY A 332 -0.41 -10.08 -8.20
C GLY A 332 -1.11 -8.75 -7.88
N GLY A 333 -2.42 -8.81 -7.72
CA GLY A 333 -3.19 -7.64 -7.32
C GLY A 333 -4.54 -8.15 -6.84
N HIS A 334 -5.24 -7.34 -6.05
CA HIS A 334 -6.45 -7.83 -5.41
C HIS A 334 -7.69 -7.64 -6.28
N ARG A 335 -8.75 -8.33 -5.87
CA ARG A 335 -9.98 -8.43 -6.63
C ARG A 335 -11.14 -7.94 -5.75
N ASP A 336 -11.01 -8.09 -4.41
CA ASP A 336 -12.09 -7.57 -3.50
C ASP A 336 -12.15 -6.05 -3.53
N SER A 337 -13.35 -5.50 -3.40
CA SER A 337 -13.51 -4.04 -3.41
C SER A 337 -14.45 -3.63 -2.24
N TRP A 338 -14.44 -2.34 -1.85
CA TRP A 338 -15.41 -1.88 -0.85
C TRP A 338 -16.81 -1.90 -1.42
N VAL A 339 -16.97 -1.39 -2.65
CA VAL A 339 -18.29 -1.43 -3.34
C VAL A 339 -18.00 -1.89 -4.77
N PHE A 340 -18.09 -0.99 -5.77
CA PHE A 340 -17.94 -1.39 -7.17
C PHE A 340 -16.50 -1.51 -7.59
N GLY A 341 -15.62 -0.79 -6.90
CA GLY A 341 -14.18 -0.89 -7.21
C GLY A 341 -13.79 -0.44 -8.62
N GLY A 342 -14.47 0.60 -9.14
CA GLY A 342 -14.20 1.14 -10.46
C GLY A 342 -12.72 1.44 -10.68
N ILE A 343 -12.07 2.02 -9.67
CA ILE A 343 -10.65 2.23 -9.76
C ILE A 343 -9.95 1.13 -8.90
N ASP A 344 -10.35 1.05 -7.64
CA ASP A 344 -9.63 0.26 -6.67
C ASP A 344 -10.48 -1.01 -6.32
N PRO A 345 -10.11 -2.19 -6.85
CA PRO A 345 -8.88 -2.53 -7.61
C PRO A 345 -9.11 -2.82 -9.07
N GLN A 346 -10.35 -2.66 -9.55
CA GLN A 346 -10.66 -3.32 -10.82
C GLN A 346 -9.94 -2.66 -11.99
N SER A 347 -9.53 -1.40 -11.88
CA SER A 347 -8.72 -0.83 -12.94
C SER A 347 -7.34 -1.52 -13.02
N GLY A 348 -6.90 -2.07 -11.89
CA GLY A 348 -5.69 -2.93 -11.83
C GLY A 348 -6.01 -4.36 -12.29
N ALA A 349 -7.09 -4.93 -11.78
CA ALA A 349 -7.40 -6.34 -12.11
C ALA A 349 -7.71 -6.53 -13.59
N ALA A 350 -8.30 -5.50 -14.23
CA ALA A 350 -8.59 -5.60 -15.65
C ALA A 350 -7.30 -5.61 -16.48
N VAL A 351 -6.30 -4.87 -15.99
CA VAL A 351 -4.95 -4.87 -16.60
C VAL A 351 -4.27 -6.24 -16.44
N VAL A 352 -4.35 -6.80 -15.23
CA VAL A 352 -3.80 -8.16 -15.02
C VAL A 352 -4.48 -9.11 -16.01
N HIS A 353 -5.80 -9.01 -16.12
CA HIS A 353 -6.57 -9.91 -16.97
C HIS A 353 -6.06 -9.87 -18.42
N GLU A 354 -5.87 -8.66 -18.96
CA GLU A 354 -5.37 -8.50 -20.34
C GLU A 354 -3.92 -8.97 -20.45
N ILE A 355 -3.13 -8.80 -19.39
CA ILE A 355 -1.76 -9.33 -19.40
C ILE A 355 -1.70 -10.84 -19.50
N VAL A 356 -2.54 -11.50 -18.69
CA VAL A 356 -2.68 -12.98 -18.75
C VAL A 356 -3.11 -13.40 -20.17
N ARG A 357 -4.12 -12.71 -20.69
CA ARG A 357 -4.63 -13.02 -22.03
C ARG A 357 -3.48 -12.95 -23.06
N SER A 358 -2.68 -11.88 -22.98
CA SER A 358 -1.54 -11.70 -23.87
C SER A 358 -0.45 -12.77 -23.72
N PHE A 359 0.00 -13.02 -22.47
CA PHE A 359 0.98 -14.11 -22.27
C PHE A 359 0.41 -15.43 -22.83
N GLY A 360 -0.89 -15.64 -22.66
CA GLY A 360 -1.56 -16.82 -23.11
C GLY A 360 -1.61 -16.97 -24.63
N THR A 361 -1.80 -15.87 -25.35
CA THR A 361 -1.76 -15.89 -26.80
C THR A 361 -0.39 -16.43 -27.28
N LEU A 362 0.68 -15.89 -26.72
CA LEU A 362 2.03 -16.37 -27.05
C LEU A 362 2.17 -17.85 -26.68
N LYS A 363 1.72 -18.23 -25.48
CA LYS A 363 1.82 -19.62 -25.11
C LYS A 363 1.12 -20.56 -26.12
N LYS A 364 -0.04 -20.16 -26.63
CA LYS A 364 -0.76 -21.01 -27.60
C LYS A 364 -0.03 -21.14 -28.93
N GLU A 365 0.87 -20.20 -29.23
CA GLU A 365 1.73 -20.25 -30.42
C GLU A 365 3.04 -21.01 -30.19
N GLY A 366 3.18 -21.60 -28.99
CA GLY A 366 4.33 -22.44 -28.68
C GLY A 366 5.38 -21.80 -27.80
N TRP A 367 5.18 -20.54 -27.39
CA TRP A 367 6.18 -19.87 -26.57
C TRP A 367 5.97 -20.23 -25.10
N ARG A 368 7.05 -20.22 -24.33
CA ARG A 368 6.95 -20.19 -22.86
C ARG A 368 8.02 -19.24 -22.39
N PRO A 369 7.77 -18.54 -21.25
CA PRO A 369 8.81 -17.74 -20.63
C PRO A 369 9.92 -18.63 -20.12
N ARG A 370 11.11 -18.07 -20.02
CA ARG A 370 12.26 -18.80 -19.46
C ARG A 370 11.95 -19.28 -18.00
N ARG A 371 11.47 -18.35 -17.16
CA ARG A 371 11.10 -18.65 -15.75
C ARG A 371 9.58 -18.76 -15.61
N THR A 372 9.14 -19.44 -14.55
CA THR A 372 7.72 -19.52 -14.24
C THR A 372 7.17 -18.14 -13.90
N ILE A 373 5.98 -17.86 -14.44
CA ILE A 373 5.20 -16.71 -14.05
C ILE A 373 4.00 -17.19 -13.27
N LEU A 374 3.82 -16.61 -12.07
CA LEU A 374 2.58 -16.80 -11.28
C LEU A 374 1.73 -15.54 -11.34
N PHE A 375 0.44 -15.73 -11.57
CA PHE A 375 -0.51 -14.59 -11.58
C PHE A 375 -1.46 -14.77 -10.40
N ALA A 376 -1.72 -13.68 -9.67
CA ALA A 376 -2.61 -13.80 -8.51
C ALA A 376 -3.70 -12.74 -8.52
N SER A 377 -4.91 -13.18 -8.23
CA SER A 377 -6.05 -12.34 -7.92
C SER A 377 -6.29 -12.53 -6.40
N TRP A 378 -5.82 -11.56 -5.58
CA TRP A 378 -5.87 -11.69 -4.13
C TRP A 378 -7.25 -11.28 -3.61
N ASP A 379 -7.66 -11.94 -2.54
CA ASP A 379 -8.92 -11.58 -1.88
C ASP A 379 -8.57 -10.88 -0.57
N ALA A 380 -9.58 -10.17 -0.03
CA ALA A 380 -9.52 -9.47 1.27
C ALA A 380 -8.31 -8.57 1.46
N GLU A 381 -7.82 -7.98 0.38
CA GLU A 381 -6.77 -6.98 0.53
C GLU A 381 -7.32 -5.86 1.39
N GLU A 382 -8.59 -5.52 1.19
CA GLU A 382 -9.14 -4.27 1.83
C GLU A 382 -9.28 -4.44 3.33
N PHE A 383 -9.24 -5.69 3.81
CA PHE A 383 -9.38 -5.94 5.22
C PHE A 383 -8.02 -6.22 5.86
N GLY A 384 -6.92 -5.83 5.17
CA GLY A 384 -5.61 -5.91 5.78
C GLY A 384 -4.60 -6.84 5.05
N LEU A 385 -4.70 -6.90 3.73
CA LEU A 385 -3.74 -7.66 2.88
C LEU A 385 -3.85 -9.13 3.26
N LEU A 386 -5.06 -9.59 3.57
CA LEU A 386 -5.20 -10.91 4.21
C LEU A 386 -4.91 -12.05 3.23
N GLY A 387 -5.47 -11.96 2.02
CA GLY A 387 -5.34 -13.03 1.01
C GLY A 387 -3.88 -13.24 0.60
N SER A 388 -3.19 -12.14 0.25
CA SER A 388 -1.78 -12.28 -0.15
C SER A 388 -0.93 -12.80 1.00
N THR A 389 -1.20 -12.30 2.20
CA THR A 389 -0.38 -12.61 3.38
C THR A 389 -0.57 -14.08 3.78
N GLU A 390 -1.83 -14.55 3.80
CA GLU A 390 -2.06 -16.00 4.15
C GLU A 390 -1.41 -16.93 3.14
N TRP A 391 -1.54 -16.57 1.86
CA TRP A 391 -0.95 -17.41 0.80
C TRP A 391 0.59 -17.39 0.89
N ALA A 392 1.17 -16.22 1.18
CA ALA A 392 2.63 -16.17 1.34
C ALA A 392 3.09 -16.96 2.58
N GLU A 393 2.31 -16.89 3.68
CA GLU A 393 2.60 -17.73 4.85
C GLU A 393 2.53 -19.23 4.55
N GLU A 394 1.53 -19.64 3.77
N GLU A 394 1.55 -19.67 3.75
CA GLU A 394 1.40 -21.03 3.34
CA GLU A 394 1.46 -21.07 3.36
C GLU A 394 2.64 -21.48 2.52
C GLU A 394 2.68 -21.49 2.52
N ASN A 395 3.08 -20.59 1.62
CA ASN A 395 4.10 -20.96 0.59
C ASN A 395 5.47 -20.33 0.85
N SER A 396 5.71 -19.91 2.10
CA SER A 396 6.90 -19.06 2.35
C SER A 396 8.21 -19.77 1.96
N ARG A 397 8.29 -21.08 2.20
CA ARG A 397 9.53 -21.83 1.81
C ARG A 397 9.78 -21.85 0.29
N LEU A 398 8.74 -22.05 -0.51
CA LEU A 398 8.92 -21.97 -1.96
C LEU A 398 9.30 -20.55 -2.40
N LEU A 399 8.66 -19.55 -1.81
CA LEU A 399 8.86 -18.13 -2.17
C LEU A 399 10.25 -17.66 -1.81
N GLN A 400 10.66 -18.06 -0.60
N GLN A 400 10.75 -18.03 -0.65
CA GLN A 400 11.98 -17.78 -0.05
CA GLN A 400 12.07 -17.49 -0.30
C GLN A 400 13.10 -18.19 -1.03
C GLN A 400 13.24 -18.22 -0.96
N GLU A 401 13.05 -19.46 -1.44
CA GLU A 401 14.11 -20.12 -2.20
C GLU A 401 13.95 -19.98 -3.71
N ARG A 402 12.76 -19.61 -4.18
CA ARG A 402 12.51 -19.55 -5.64
C ARG A 402 12.02 -18.19 -6.17
N GLY A 403 11.68 -17.27 -5.25
CA GLY A 403 10.97 -16.03 -5.63
C GLY A 403 11.95 -15.04 -6.22
N VAL A 404 11.84 -14.81 -7.52
CA VAL A 404 12.66 -13.77 -8.17
C VAL A 404 12.20 -12.33 -7.89
N ALA A 405 10.91 -12.08 -8.07
CA ALA A 405 10.36 -10.75 -8.04
C ALA A 405 8.85 -10.79 -7.93
N TYR A 406 8.31 -9.74 -7.34
CA TYR A 406 6.88 -9.56 -7.21
C TYR A 406 6.54 -8.19 -7.82
N ILE A 407 5.59 -8.17 -8.76
CA ILE A 407 5.10 -6.93 -9.34
C ILE A 407 3.63 -6.81 -8.90
N ASN A 408 3.31 -5.75 -8.19
CA ASN A 408 1.94 -5.53 -7.73
C ASN A 408 1.05 -5.03 -8.86
N ALA A 409 -0.27 -5.12 -8.66
CA ALA A 409 -1.17 -4.63 -9.70
C ALA A 409 -2.51 -4.22 -9.13
N ASP A 410 -2.51 -3.22 -8.27
CA ASP A 410 -3.75 -2.63 -7.81
C ASP A 410 -4.08 -1.49 -8.84
N SER A 411 -4.91 -0.54 -8.40
N SER A 411 -4.95 -0.56 -8.49
CA SER A 411 -5.40 0.59 -9.21
CA SER A 411 -5.50 0.47 -9.41
C SER A 411 -4.34 1.03 -10.23
C SER A 411 -4.55 1.08 -10.48
N SER A 412 -4.73 0.99 -11.50
N SER A 412 -4.81 0.85 -11.77
CA SER A 412 -3.88 1.48 -12.59
CA SER A 412 -3.96 1.44 -12.81
C SER A 412 -3.89 3.00 -12.69
C SER A 412 -3.96 2.98 -12.83
N ILE A 413 -4.99 3.61 -12.26
CA ILE A 413 -5.23 5.06 -12.48
C ILE A 413 -5.74 5.79 -11.23
N GLU A 414 -4.83 6.02 -10.31
CA GLU A 414 -5.02 6.97 -9.22
C GLU A 414 -5.35 8.34 -9.77
N GLY A 415 -4.88 8.63 -10.99
CA GLY A 415 -5.06 9.95 -11.64
C GLY A 415 -4.67 9.71 -13.10
N ASN A 416 -4.53 10.77 -13.88
CA ASN A 416 -4.12 10.60 -15.26
C ASN A 416 -3.03 11.59 -15.70
N TYR A 417 -2.21 12.00 -14.74
CA TYR A 417 -1.19 13.04 -14.99
C TYR A 417 0.16 12.42 -15.40
N THR A 418 0.69 11.52 -14.57
CA THR A 418 1.96 10.87 -14.93
C THR A 418 2.13 9.54 -14.22
N LEU A 419 3.20 8.82 -14.57
CA LEU A 419 3.51 7.55 -13.90
C LEU A 419 4.02 7.76 -12.50
N ARG A 420 3.75 6.76 -11.65
CA ARG A 420 4.17 6.80 -10.26
C ARG A 420 4.72 5.40 -10.00
N VAL A 421 6.02 5.32 -9.73
CA VAL A 421 6.65 4.02 -9.49
C VAL A 421 7.30 3.96 -8.11
N ASP A 422 7.13 2.84 -7.43
CA ASP A 422 7.83 2.59 -6.19
C ASP A 422 8.43 1.19 -6.34
N CYS A 423 9.70 0.99 -6.05
CA CYS A 423 10.27 -0.36 -6.23
C CYS A 423 11.59 -0.43 -5.51
N THR A 424 12.10 -1.63 -5.35
CA THR A 424 13.47 -1.82 -4.92
C THR A 424 14.46 -1.15 -5.88
N PRO A 425 15.57 -0.64 -5.35
CA PRO A 425 16.66 -0.16 -6.23
C PRO A 425 17.08 -1.19 -7.27
N LEU A 426 16.86 -2.49 -7.01
CA LEU A 426 17.35 -3.51 -7.96
C LEU A 426 16.62 -3.44 -9.29
N MET A 427 15.44 -2.81 -9.29
CA MET A 427 14.65 -2.69 -10.50
C MET A 427 14.74 -1.30 -11.15
N TYR A 428 15.51 -0.36 -10.60
CA TYR A 428 15.56 0.99 -11.20
C TYR A 428 15.97 0.97 -12.70
N SER A 429 17.06 0.26 -13.00
CA SER A 429 17.57 0.24 -14.41
C SER A 429 16.58 -0.37 -15.33
N LEU A 430 15.99 -1.47 -14.89
CA LEU A 430 14.93 -2.13 -15.67
C LEU A 430 13.79 -1.16 -15.98
N VAL A 431 13.33 -0.42 -14.98
CA VAL A 431 12.21 0.53 -15.16
C VAL A 431 12.60 1.67 -16.09
N HIS A 432 13.79 2.26 -15.89
CA HIS A 432 14.29 3.27 -16.84
C HIS A 432 14.36 2.76 -18.30
N ASN A 433 14.95 1.58 -18.47
CA ASN A 433 15.12 1.02 -19.82
C ASN A 433 13.80 0.75 -20.49
N LEU A 434 12.90 0.13 -19.75
CA LEU A 434 11.59 -0.21 -20.30
C LEU A 434 10.79 1.02 -20.70
N THR A 435 10.73 2.00 -19.81
CA THR A 435 9.90 3.21 -20.09
C THR A 435 10.49 4.02 -21.23
N LYS A 436 11.80 3.90 -21.47
CA LYS A 436 12.37 4.52 -22.70
C LYS A 436 11.88 3.88 -24.01
N GLU A 437 11.40 2.65 -23.93
CA GLU A 437 10.94 1.92 -25.13
C GLU A 437 9.42 1.98 -25.31
N LEU A 438 8.70 2.53 -24.34
CA LEU A 438 7.25 2.65 -24.42
C LEU A 438 6.84 4.06 -24.89
N LYS A 439 5.70 4.16 -25.55
CA LYS A 439 5.21 5.47 -26.07
C LYS A 439 4.51 6.22 -24.94
N SER A 440 4.70 7.53 -24.83
CA SER A 440 3.94 8.27 -23.80
C SER A 440 2.47 8.37 -24.24
N PRO A 441 1.51 8.13 -23.32
CA PRO A 441 0.12 8.36 -23.73
C PRO A 441 -0.32 9.80 -23.53
N ASP A 442 0.57 10.65 -23.01
CA ASP A 442 0.20 11.93 -22.42
C ASP A 442 -0.03 12.97 -23.52
N GLU A 443 -1.02 13.84 -23.30
N GLU A 443 -1.01 13.84 -23.29
CA GLU A 443 -1.26 14.95 -24.23
CA GLU A 443 -1.29 14.98 -24.17
C GLU A 443 -0.02 15.84 -24.27
C GLU A 443 -0.05 15.88 -24.27
N GLY A 444 0.41 16.16 -25.48
CA GLY A 444 1.58 17.02 -25.69
C GLY A 444 2.91 16.28 -25.78
N PHE A 445 2.86 14.95 -25.61
CA PHE A 445 4.06 14.14 -25.72
C PHE A 445 3.92 13.06 -26.78
N GLU A 446 3.10 13.29 -27.80
CA GLU A 446 2.92 12.27 -28.84
C GLU A 446 4.22 12.05 -29.61
N GLY A 447 4.57 10.78 -29.82
CA GLY A 447 5.86 10.45 -30.42
C GLY A 447 7.04 10.59 -29.45
N LYS A 448 6.79 10.87 -28.18
CA LYS A 448 7.85 10.86 -27.17
C LYS A 448 7.71 9.60 -26.34
N SER A 449 8.78 9.22 -25.65
CA SER A 449 8.76 8.02 -24.80
C SER A 449 8.06 8.33 -23.46
N LEU A 450 7.55 7.27 -22.85
CA LEU A 450 7.00 7.34 -21.49
C LEU A 450 8.09 7.86 -20.51
N TYR A 451 9.33 7.41 -20.68
CA TYR A 451 10.43 7.94 -19.84
C TYR A 451 10.52 9.48 -19.91
N GLU A 452 10.41 10.02 -21.12
CA GLU A 452 10.49 11.48 -21.29
C GLU A 452 9.36 12.21 -20.54
N SER A 453 8.11 11.78 -20.73
CA SER A 453 6.98 12.51 -20.11
C SER A 453 7.01 12.34 -18.58
N TRP A 454 7.36 11.13 -18.16
CA TRP A 454 7.43 10.82 -16.75
C TRP A 454 8.56 11.65 -16.07
N THR A 455 9.73 11.66 -16.68
CA THR A 455 10.85 12.41 -16.13
C THR A 455 10.53 13.93 -16.11
N LYS A 456 9.91 14.43 -17.15
CA LYS A 456 9.52 15.85 -17.14
C LYS A 456 8.52 16.14 -16.02
N LYS A 457 7.52 15.29 -15.80
CA LYS A 457 6.45 15.61 -14.84
C LYS A 457 6.79 15.25 -13.39
N SER A 458 7.69 14.30 -13.22
CA SER A 458 8.04 13.85 -11.89
C SER A 458 9.57 13.69 -11.80
N PRO A 459 10.31 14.83 -11.85
CA PRO A 459 11.77 14.77 -11.83
C PRO A 459 12.32 14.21 -10.53
N SER A 460 13.43 13.49 -10.63
CA SER A 460 14.17 13.07 -9.45
C SER A 460 14.67 14.31 -8.70
N PRO A 461 14.58 14.29 -7.36
CA PRO A 461 15.17 15.38 -6.56
C PRO A 461 16.73 15.37 -6.53
N GLU A 462 17.36 14.21 -6.73
N GLU A 462 17.35 14.20 -6.69
CA GLU A 462 18.83 14.16 -6.72
CA GLU A 462 18.81 14.09 -6.76
C GLU A 462 19.57 14.02 -8.07
C GLU A 462 19.32 14.44 -8.17
N PHE A 463 18.87 13.67 -9.16
CA PHE A 463 19.52 13.56 -10.48
C PHE A 463 18.79 14.18 -11.66
N SER A 464 19.51 15.00 -12.41
CA SER A 464 18.98 15.65 -13.59
C SER A 464 18.71 14.61 -14.66
N GLY A 465 17.55 14.73 -15.29
CA GLY A 465 17.21 13.86 -16.42
C GLY A 465 16.78 12.45 -16.02
N MET A 466 16.52 12.25 -14.72
CA MET A 466 15.96 10.97 -14.17
C MET A 466 14.62 11.23 -13.52
N PRO A 467 13.73 10.22 -13.51
CA PRO A 467 12.45 10.39 -12.84
C PRO A 467 12.53 10.04 -11.35
N ARG A 468 11.54 10.47 -10.59
CA ARG A 468 11.49 10.07 -9.21
C ARG A 468 11.01 8.61 -9.13
N ILE A 469 11.66 7.81 -8.30
CA ILE A 469 11.12 6.49 -7.92
C ILE A 469 11.12 6.39 -6.40
N SER A 470 9.99 6.06 -5.80
CA SER A 470 9.86 6.16 -4.35
C SER A 470 10.09 4.81 -3.72
N LYS A 471 10.08 4.80 -2.38
N LYS A 471 10.26 4.76 -2.40
CA LYS A 471 10.35 3.64 -1.54
CA LYS A 471 10.47 3.48 -1.77
C LYS A 471 9.08 2.84 -1.30
C LYS A 471 9.12 2.76 -1.61
N LEU A 472 9.19 1.52 -1.13
CA LEU A 472 8.03 0.70 -0.75
C LEU A 472 7.84 0.73 0.78
N GLY A 473 6.59 0.98 1.20
CA GLY A 473 6.21 0.86 2.59
C GLY A 473 5.22 -0.28 2.65
N SER A 474 3.96 0.03 2.98
CA SER A 474 2.95 -0.97 2.89
C SER A 474 1.62 -0.36 2.37
N GLY A 475 0.49 -0.92 2.81
CA GLY A 475 -0.81 -0.47 2.32
C GLY A 475 -1.20 -1.18 1.03
N ASN A 476 -0.45 -2.21 0.65
CA ASN A 476 -0.86 -3.00 -0.54
C ASN A 476 -0.21 -4.39 -0.55
N ASP A 477 -0.55 -5.24 -1.53
CA ASP A 477 -0.29 -6.70 -1.39
C ASP A 477 1.18 -7.09 -1.60
N PHE A 478 2.03 -6.18 -2.03
CA PHE A 478 3.47 -6.49 -2.11
C PHE A 478 4.07 -6.61 -0.71
N GLU A 479 3.35 -6.17 0.33
CA GLU A 479 3.99 -6.02 1.63
C GLU A 479 4.63 -7.33 2.15
N VAL A 480 3.87 -8.44 2.12
CA VAL A 480 4.45 -9.68 2.68
C VAL A 480 5.70 -10.11 1.86
N PHE A 481 5.63 -9.96 0.52
CA PHE A 481 6.74 -10.43 -0.33
C PHE A 481 8.00 -9.63 -0.10
N PHE A 482 7.85 -8.30 0.03
CA PHE A 482 9.03 -7.45 0.18
C PHE A 482 9.50 -7.29 1.65
N GLN A 483 8.61 -6.81 2.53
CA GLN A 483 9.01 -6.50 3.94
C GLN A 483 9.22 -7.79 4.78
N ARG A 484 8.42 -8.82 4.54
CA ARG A 484 8.61 -10.05 5.35
C ARG A 484 9.60 -10.99 4.71
N LEU A 485 9.43 -11.24 3.41
CA LEU A 485 10.21 -12.32 2.74
C LEU A 485 11.45 -11.83 2.00
N GLY A 486 11.57 -10.53 1.70
CA GLY A 486 12.77 -10.00 1.00
C GLY A 486 12.87 -10.43 -0.46
N ILE A 487 11.72 -10.43 -1.14
CA ILE A 487 11.67 -10.66 -2.60
C ILE A 487 11.60 -9.29 -3.27
N ALA A 488 12.51 -9.03 -4.24
CA ALA A 488 12.55 -7.75 -5.00
C ALA A 488 11.14 -7.42 -5.49
N SER A 489 10.63 -6.22 -5.19
CA SER A 489 9.24 -5.94 -5.52
C SER A 489 9.13 -4.56 -6.19
N GLY A 490 8.08 -4.36 -6.99
CA GLY A 490 7.85 -3.05 -7.66
C GLY A 490 6.38 -2.82 -7.93
N ARG A 491 6.01 -1.57 -8.20
CA ARG A 491 4.64 -1.28 -8.57
C ARG A 491 4.70 -0.01 -9.43
N ALA A 492 3.71 0.14 -10.30
CA ALA A 492 3.63 1.32 -11.15
C ALA A 492 2.17 1.59 -11.42
N ARG A 493 1.78 2.87 -11.41
CA ARG A 493 0.40 3.24 -11.75
C ARG A 493 0.43 4.69 -12.22
N TYR A 494 -0.60 5.12 -12.95
CA TYR A 494 -0.75 6.54 -13.24
C TYR A 494 -1.35 7.23 -12.02
N THR A 495 -0.94 8.49 -11.81
CA THR A 495 -1.37 9.21 -10.63
C THR A 495 -1.70 10.67 -10.95
N LYS A 496 -2.21 11.38 -9.94
CA LYS A 496 -2.61 12.77 -10.07
C LYS A 496 -1.46 13.74 -9.85
N ASN A 497 -0.73 13.56 -8.76
CA ASN A 497 0.20 14.59 -8.34
C ASN A 497 0.90 14.19 -7.06
N TRP A 498 2.03 13.52 -7.23
CA TRP A 498 2.85 13.10 -6.12
C TRP A 498 3.17 14.27 -5.13
N GLU A 499 3.41 15.48 -5.68
CA GLU A 499 3.84 16.62 -4.85
C GLU A 499 2.79 17.01 -3.79
N THR A 500 1.51 16.92 -4.15
CA THR A 500 0.47 17.48 -3.31
C THR A 500 -0.37 16.42 -2.62
N ASN A 501 -0.39 15.22 -3.18
CA ASN A 501 -1.20 14.18 -2.58
C ASN A 501 -0.55 12.81 -2.77
N LYS A 502 0.14 12.35 -1.75
CA LYS A 502 0.81 11.07 -1.88
C LYS A 502 -0.05 9.95 -1.27
N PHE A 503 -0.75 10.28 -0.20
CA PHE A 503 -1.28 9.24 0.69
C PHE A 503 -2.78 9.35 0.97
N SER A 504 -3.43 10.37 0.42
CA SER A 504 -4.84 10.63 0.83
C SER A 504 -5.91 9.91 0.01
N GLY A 505 -5.58 9.52 -1.24
CA GLY A 505 -6.56 8.93 -2.16
C GLY A 505 -7.17 10.03 -3.04
N TYR A 506 -7.70 9.62 -4.20
CA TYR A 506 -8.43 10.49 -5.10
C TYR A 506 -9.78 10.77 -4.41
N PRO A 507 -10.55 11.76 -4.88
CA PRO A 507 -11.73 12.15 -4.08
C PRO A 507 -12.73 11.04 -3.79
N LEU A 508 -12.98 10.16 -4.76
CA LEU A 508 -14.05 9.17 -4.61
C LEU A 508 -13.56 7.83 -4.07
N TYR A 509 -12.33 7.84 -3.56
CA TYR A 509 -11.73 6.64 -2.97
C TYR A 509 -12.59 5.91 -1.91
N HIS A 510 -12.89 4.64 -2.17
CA HIS A 510 -13.65 3.80 -1.21
C HIS A 510 -15.11 4.23 -0.98
N SER A 511 -15.65 5.02 -1.90
CA SER A 511 -17.00 5.48 -1.84
C SER A 511 -17.88 4.67 -2.90
N VAL A 512 -19.18 4.63 -2.69
CA VAL A 512 -20.13 4.04 -3.70
C VAL A 512 -19.99 4.69 -5.10
N TYR A 513 -19.44 5.91 -5.17
CA TYR A 513 -19.37 6.67 -6.41
C TYR A 513 -18.21 6.22 -7.30
N GLU A 514 -17.34 5.36 -6.79
CA GLU A 514 -16.19 4.90 -7.55
C GLU A 514 -16.63 3.77 -8.48
N THR A 515 -17.05 4.14 -9.68
CA THR A 515 -17.78 3.23 -10.56
C THR A 515 -17.06 3.13 -11.90
N TYR A 516 -17.55 2.22 -12.74
CA TYR A 516 -17.13 2.19 -14.12
C TYR A 516 -17.30 3.55 -14.84
N GLU A 517 -18.45 4.21 -14.63
CA GLU A 517 -18.72 5.51 -15.28
C GLU A 517 -17.74 6.59 -14.86
N LEU A 518 -17.38 6.59 -13.59
CA LEU A 518 -16.36 7.49 -13.09
C LEU A 518 -15.09 7.39 -13.97
N VAL A 519 -14.64 6.15 -14.18
CA VAL A 519 -13.42 5.88 -14.97
C VAL A 519 -13.60 6.30 -16.44
N GLU A 520 -14.65 5.77 -17.07
CA GLU A 520 -14.89 5.90 -18.50
C GLU A 520 -15.18 7.35 -18.88
N LYS A 521 -15.84 8.11 -18.00
CA LYS A 521 -16.15 9.52 -18.30
C LYS A 521 -15.03 10.50 -17.91
N PHE A 522 -14.42 10.30 -16.74
CA PHE A 522 -13.61 11.37 -16.13
C PHE A 522 -12.13 11.04 -15.98
N TYR A 523 -11.76 9.74 -16.02
CA TYR A 523 -10.35 9.37 -15.87
C TYR A 523 -9.65 8.99 -17.18
N ASP A 524 -10.26 8.09 -17.94
CA ASP A 524 -9.51 7.42 -19.01
C ASP A 524 -10.44 6.92 -20.10
N PRO A 525 -11.16 7.85 -20.77
CA PRO A 525 -12.13 7.42 -21.79
C PRO A 525 -11.57 6.52 -22.90
N MET A 526 -10.31 6.69 -23.30
N MET A 526 -10.29 6.75 -23.29
CA MET A 526 -9.75 5.85 -24.38
CA MET A 526 -9.60 5.99 -24.36
C MET A 526 -9.01 4.63 -23.82
C MET A 526 -8.96 4.69 -23.82
N PHE A 527 -8.93 4.55 -22.50
CA PHE A 527 -8.23 3.46 -21.83
C PHE A 527 -6.74 3.42 -22.19
N LYS A 528 -6.21 4.57 -22.64
CA LYS A 528 -4.81 4.62 -23.00
C LYS A 528 -3.89 4.67 -21.77
N TYR A 529 -4.36 5.22 -20.65
CA TYR A 529 -3.53 5.20 -19.45
C TYR A 529 -3.49 3.77 -18.91
N HIS A 530 -4.65 3.11 -18.91
CA HIS A 530 -4.71 1.69 -18.50
C HIS A 530 -3.73 0.88 -19.38
N LEU A 531 -3.78 1.09 -20.71
CA LEU A 531 -2.87 0.38 -21.61
C LEU A 531 -1.41 0.67 -21.27
N THR A 532 -1.05 1.94 -21.07
CA THR A 532 0.35 2.27 -20.67
C THR A 532 0.77 1.52 -19.40
N VAL A 533 -0.10 1.54 -18.40
CA VAL A 533 0.21 0.79 -17.18
C VAL A 533 0.32 -0.74 -17.47
N ALA A 534 -0.54 -1.29 -18.33
CA ALA A 534 -0.42 -2.72 -18.72
C ALA A 534 0.96 -3.00 -19.35
N GLN A 535 1.41 -2.07 -20.16
CA GLN A 535 2.72 -2.25 -20.80
C GLN A 535 3.86 -2.14 -19.80
N VAL A 536 3.77 -1.22 -18.83
CA VAL A 536 4.82 -1.13 -17.82
C VAL A 536 4.83 -2.43 -16.95
N ARG A 537 3.67 -2.84 -16.44
CA ARG A 537 3.63 -3.96 -15.50
C ARG A 537 3.97 -5.23 -16.27
N GLY A 538 3.34 -5.41 -17.42
CA GLY A 538 3.54 -6.60 -18.26
C GLY A 538 4.97 -6.68 -18.78
N GLY A 539 5.49 -5.53 -19.22
CA GLY A 539 6.88 -5.50 -19.69
C GLY A 539 7.89 -5.84 -18.61
N MET A 540 7.65 -5.37 -17.39
CA MET A 540 8.55 -5.70 -16.29
C MET A 540 8.50 -7.19 -16.01
N VAL A 541 7.30 -7.75 -15.92
CA VAL A 541 7.14 -9.20 -15.73
C VAL A 541 7.84 -9.97 -16.89
N PHE A 542 7.58 -9.56 -18.15
CA PHE A 542 8.24 -10.17 -19.29
C PHE A 542 9.77 -10.21 -19.13
N GLU A 543 10.39 -9.06 -18.86
CA GLU A 543 11.87 -9.02 -18.71
C GLU A 543 12.37 -9.85 -17.52
N LEU A 544 11.65 -9.80 -16.40
CA LEU A 544 12.07 -10.54 -15.21
C LEU A 544 11.99 -12.02 -15.48
N ALA A 545 10.93 -12.41 -16.20
CA ALA A 545 10.73 -13.85 -16.50
C ALA A 545 11.52 -14.40 -17.70
N ASN A 546 12.04 -13.53 -18.57
CA ASN A 546 12.70 -13.99 -19.83
C ASN A 546 14.14 -13.62 -20.06
N SER A 547 14.62 -12.62 -19.33
CA SER A 547 16.01 -12.18 -19.56
C SER A 547 16.97 -13.26 -19.06
N ILE A 548 18.04 -13.53 -19.80
CA ILE A 548 18.94 -14.63 -19.44
C ILE A 548 19.57 -14.30 -18.10
N VAL A 549 20.12 -13.09 -18.03
CA VAL A 549 20.63 -12.60 -16.74
C VAL A 549 19.48 -11.78 -16.12
N LEU A 550 19.14 -12.07 -14.86
CA LEU A 550 18.11 -11.26 -14.17
C LEU A 550 18.39 -9.77 -14.33
N PRO A 551 17.34 -8.97 -14.61
CA PRO A 551 17.53 -7.54 -14.91
C PRO A 551 17.59 -6.65 -13.64
N PHE A 552 18.53 -6.99 -12.75
CA PHE A 552 18.72 -6.28 -11.47
C PHE A 552 20.11 -5.64 -11.52
N ASP A 553 20.25 -4.39 -11.04
CA ASP A 553 21.59 -3.79 -11.00
C ASP A 553 21.92 -3.49 -9.53
N CYS A 554 22.78 -4.36 -8.96
N CYS A 554 22.81 -4.31 -8.95
CA CYS A 554 23.17 -4.20 -7.54
CA CYS A 554 23.18 -4.17 -7.54
C CYS A 554 23.81 -2.84 -7.27
C CYS A 554 23.90 -2.88 -7.23
N ARG A 555 24.47 -2.25 -8.26
CA ARG A 555 25.11 -0.93 -8.08
C ARG A 555 24.09 0.18 -7.70
N ASP A 556 22.85 0.04 -8.18
CA ASP A 556 21.80 0.99 -7.79
C ASP A 556 21.50 0.90 -6.28
N TYR A 557 21.56 -0.30 -5.70
CA TYR A 557 21.43 -0.40 -4.25
C TYR A 557 22.57 0.34 -3.54
N ALA A 558 23.80 0.21 -4.03
CA ALA A 558 24.93 0.87 -3.39
C ALA A 558 24.72 2.39 -3.33
N VAL A 559 24.19 2.96 -4.41
CA VAL A 559 23.97 4.40 -4.47
C VAL A 559 22.94 4.83 -3.38
N VAL A 560 21.80 4.15 -3.30
CA VAL A 560 20.79 4.57 -2.32
C VAL A 560 21.23 4.28 -0.88
N LEU A 561 21.98 3.20 -0.67
CA LEU A 561 22.44 2.87 0.70
C LEU A 561 23.24 4.07 1.25
N ARG A 562 24.05 4.68 0.39
CA ARG A 562 24.81 5.85 0.78
C ARG A 562 23.93 7.05 1.09
N LYS A 563 22.96 7.32 0.22
N LYS A 563 22.93 7.29 0.23
CA LYS A 563 21.98 8.37 0.47
CA LYS A 563 21.92 8.34 0.43
C LYS A 563 21.31 8.14 1.83
C LYS A 563 21.13 8.15 1.73
N TYR A 564 20.82 6.90 2.08
CA TYR A 564 20.09 6.62 3.34
C TYR A 564 21.00 6.73 4.55
N ALA A 565 22.25 6.31 4.39
CA ALA A 565 23.22 6.48 5.50
C ALA A 565 23.48 7.94 5.81
N ASP A 566 23.68 8.75 4.77
CA ASP A 566 23.85 10.21 4.93
C ASP A 566 22.61 10.78 5.67
N LYS A 567 21.43 10.33 5.26
CA LYS A 567 20.19 10.82 5.82
C LYS A 567 20.02 10.52 7.32
N ILE A 568 20.22 9.24 7.69
CA ILE A 568 20.08 8.86 9.08
C ILE A 568 21.16 9.52 9.96
N TYR A 569 22.38 9.59 9.43
CA TYR A 569 23.44 10.30 10.13
C TYR A 569 23.06 11.76 10.39
N SER A 570 22.44 12.44 9.40
CA SER A 570 22.07 13.86 9.59
C SER A 570 20.97 14.01 10.67
N ILE A 571 20.08 13.01 10.77
CA ILE A 571 19.04 13.02 11.79
C ILE A 571 19.71 12.94 13.17
N SER A 572 20.63 11.98 13.32
CA SER A 572 21.33 11.80 14.59
C SER A 572 22.10 13.05 14.94
N MET A 573 22.73 13.64 13.92
CA MET A 573 23.50 14.88 14.15
C MET A 573 22.71 16.10 14.60
N LYS A 574 21.39 15.99 14.76
CA LYS A 574 20.66 17.09 15.44
C LYS A 574 20.96 17.08 16.95
N HIS A 575 21.59 16.00 17.43
CA HIS A 575 21.91 15.82 18.87
C HIS A 575 23.40 15.61 19.11
N PRO A 576 24.25 16.62 18.77
CA PRO A 576 25.69 16.36 18.83
C PRO A 576 26.24 16.09 20.22
N GLN A 577 25.66 16.71 21.26
CA GLN A 577 26.12 16.48 22.63
C GLN A 577 25.91 15.03 23.07
N GLU A 578 24.73 14.50 22.79
CA GLU A 578 24.46 13.11 23.12
C GLU A 578 25.36 12.14 22.33
N MET A 579 25.61 12.47 21.05
CA MET A 579 26.53 11.60 20.25
C MET A 579 27.94 11.57 20.85
N LYS A 580 28.37 12.71 21.42
CA LYS A 580 29.66 12.79 22.10
C LYS A 580 29.63 11.99 23.42
N THR A 581 28.60 12.25 24.23
CA THR A 581 28.42 11.62 25.55
C THR A 581 28.37 10.09 25.47
N TYR A 582 27.60 9.57 24.52
CA TYR A 582 27.39 8.13 24.40
C TYR A 582 28.22 7.48 23.31
N SER A 583 29.12 8.25 22.70
CA SER A 583 30.09 7.71 21.74
C SER A 583 29.30 7.06 20.60
N VAL A 584 28.34 7.78 20.05
CA VAL A 584 27.50 7.23 18.97
C VAL A 584 28.21 7.46 17.64
N SER A 585 28.78 6.40 17.08
CA SER A 585 29.52 6.49 15.82
C SER A 585 28.73 5.81 14.69
N PHE A 586 28.68 6.47 13.53
CA PHE A 586 28.13 5.85 12.32
C PHE A 586 29.23 5.24 11.43
N ASP A 587 30.45 5.20 11.94
CA ASP A 587 31.59 4.74 11.10
C ASP A 587 31.37 3.33 10.52
N SER A 588 30.87 2.41 11.34
CA SER A 588 30.64 1.03 10.86
C SER A 588 29.64 0.99 9.70
N LEU A 589 28.60 1.80 9.77
CA LEU A 589 27.62 1.79 8.70
C LEU A 589 28.22 2.35 7.39
N PHE A 590 28.96 3.47 7.49
CA PHE A 590 29.58 4.02 6.26
C PHE A 590 30.59 3.02 5.68
N SER A 591 31.31 2.31 6.56
CA SER A 591 32.29 1.33 6.14
C SER A 591 31.58 0.18 5.41
N ALA A 592 30.46 -0.28 5.94
CA ALA A 592 29.69 -1.35 5.30
C ALA A 592 29.18 -0.90 3.92
N VAL A 593 28.70 0.35 3.86
CA VAL A 593 28.15 0.89 2.60
C VAL A 593 29.29 1.03 1.55
N LYS A 594 30.46 1.48 2.00
CA LYS A 594 31.64 1.57 1.16
C LYS A 594 32.02 0.19 0.62
N ASN A 595 32.03 -0.83 1.51
CA ASN A 595 32.33 -2.17 1.06
C ASN A 595 31.30 -2.70 0.06
N PHE A 596 30.02 -2.48 0.37
CA PHE A 596 28.96 -2.85 -0.52
C PHE A 596 29.22 -2.23 -1.92
N THR A 597 29.56 -0.94 -1.95
CA THR A 597 29.80 -0.23 -3.23
C THR A 597 30.94 -0.91 -4.02
N GLU A 598 32.03 -1.24 -3.30
CA GLU A 598 33.21 -1.86 -3.94
C GLU A 598 32.89 -3.28 -4.45
N ILE A 599 32.23 -4.08 -3.61
CA ILE A 599 31.93 -5.45 -3.95
C ILE A 599 30.90 -5.49 -5.09
N ALA A 600 29.91 -4.60 -5.03
CA ALA A 600 28.87 -4.56 -6.07
C ALA A 600 29.51 -4.23 -7.42
N SER A 601 30.46 -3.30 -7.43
N SER A 601 30.48 -3.32 -7.42
CA SER A 601 31.12 -2.90 -8.68
CA SER A 601 31.12 -2.90 -8.68
C SER A 601 31.89 -4.09 -9.28
C SER A 601 31.99 -4.02 -9.28
N LYS A 602 32.60 -4.84 -8.43
CA LYS A 602 33.35 -6.02 -8.91
C LYS A 602 32.40 -7.11 -9.43
N PHE A 603 31.30 -7.33 -8.72
CA PHE A 603 30.32 -8.30 -9.15
C PHE A 603 29.75 -7.91 -10.53
N SER A 604 29.46 -6.61 -10.71
CA SER A 604 28.95 -6.14 -11.99
C SER A 604 29.93 -6.43 -13.15
N GLU A 605 31.23 -6.21 -12.91
CA GLU A 605 32.28 -6.55 -13.89
C GLU A 605 32.23 -8.03 -14.23
N ARG A 606 32.20 -8.90 -13.21
CA ARG A 606 32.09 -10.35 -13.46
C ARG A 606 30.84 -10.71 -14.22
N LEU A 607 29.74 -10.05 -13.90
CA LEU A 607 28.46 -10.30 -14.55
C LEU A 607 28.51 -9.92 -16.04
N GLN A 608 29.30 -8.91 -16.36
CA GLN A 608 29.43 -8.50 -17.73
C GLN A 608 30.44 -9.36 -18.48
N ASP A 609 31.36 -9.98 -17.73
CA ASP A 609 32.57 -10.68 -18.23
C ASP A 609 32.58 -12.23 -18.33
N PHE A 610 31.47 -12.92 -18.05
CA PHE A 610 31.40 -14.42 -18.22
C PHE A 610 30.52 -14.78 -19.47
N SER A 613 28.76 -18.88 -22.24
N SER A 613 26.25 -19.32 -21.87
CA SER A 613 28.43 -20.28 -22.40
CA SER A 613 25.72 -20.64 -22.28
C SER A 613 28.21 -21.14 -21.07
C SER A 613 26.20 -21.85 -21.38
N ASN A 614 28.56 -20.60 -19.90
N ASN A 614 26.87 -21.54 -20.27
CA ASN A 614 28.54 -21.45 -18.69
CA ASN A 614 27.18 -22.53 -19.23
C ASN A 614 27.29 -21.26 -17.81
C ASN A 614 26.02 -22.56 -18.21
N PRO A 615 26.35 -22.22 -17.88
N PRO A 615 25.12 -23.56 -18.30
CA PRO A 615 25.06 -21.98 -17.23
CA PRO A 615 23.92 -23.51 -17.43
C PRO A 615 25.14 -21.99 -15.71
C PRO A 615 24.22 -23.32 -15.93
N ILE A 616 26.10 -22.73 -15.15
N ILE A 616 25.17 -24.05 -15.35
CA ILE A 616 26.25 -22.80 -13.68
CA ILE A 616 25.38 -23.88 -13.90
C ILE A 616 26.74 -21.45 -13.14
C ILE A 616 26.03 -22.57 -13.51
N VAL A 617 27.73 -20.86 -13.83
N VAL A 617 26.98 -22.08 -14.30
CA VAL A 617 28.16 -19.51 -13.51
CA VAL A 617 27.63 -20.83 -13.96
C VAL A 617 27.01 -18.51 -13.67
C VAL A 617 26.60 -19.69 -14.01
N LEU A 618 26.22 -18.68 -14.72
N LEU A 618 25.75 -19.72 -15.02
CA LEU A 618 25.08 -17.80 -14.96
CA LEU A 618 24.70 -18.75 -15.15
C LEU A 618 24.06 -17.90 -13.82
C LEU A 618 23.77 -18.91 -13.94
N ARG A 619 23.64 -19.12 -13.53
N ARG A 619 23.57 -20.13 -13.49
CA ARG A 619 22.64 -19.39 -12.53
CA ARG A 619 22.64 -20.28 -12.38
C ARG A 619 23.23 -19.10 -11.16
C ARG A 619 23.15 -19.61 -11.09
N MET A 620 24.48 -19.49 -10.93
CA MET A 620 25.15 -19.02 -9.69
C MET A 620 25.03 -17.50 -9.62
N MET A 621 25.31 -16.78 -10.72
CA MET A 621 25.19 -15.31 -10.70
C MET A 621 23.74 -14.83 -10.60
N ASN A 622 22.84 -15.49 -11.30
CA ASN A 622 21.40 -15.17 -11.16
C ASN A 622 20.95 -15.42 -9.70
N ASP A 623 21.45 -16.49 -9.08
CA ASP A 623 21.11 -16.76 -7.65
C ASP A 623 21.63 -15.65 -6.74
N GLN A 624 22.85 -15.16 -6.99
CA GLN A 624 23.38 -14.03 -6.22
C GLN A 624 22.53 -12.79 -6.41
N LEU A 625 22.07 -12.54 -7.64
CA LEU A 625 21.14 -11.43 -7.87
C LEU A 625 19.79 -11.62 -7.17
N MET A 626 19.26 -12.84 -7.23
CA MET A 626 17.94 -13.09 -6.67
C MET A 626 18.02 -13.00 -5.12
N PHE A 627 19.10 -13.54 -4.55
CA PHE A 627 19.21 -13.56 -3.07
C PHE A 627 19.72 -12.28 -2.46
N LEU A 628 20.05 -11.30 -3.32
CA LEU A 628 20.56 -10.02 -2.79
C LEU A 628 19.47 -9.28 -1.97
N GLU A 629 18.29 -9.09 -2.55
CA GLU A 629 17.20 -8.55 -1.77
C GLU A 629 16.98 -9.41 -0.48
N ARG A 630 17.11 -10.72 -0.62
CA ARG A 630 16.87 -11.62 0.49
C ARG A 630 17.85 -11.39 1.61
N ALA A 631 19.07 -10.97 1.25
CA ALA A 631 20.10 -10.74 2.28
C ALA A 631 19.81 -9.60 3.22
N PHE A 632 18.89 -8.68 2.82
CA PHE A 632 18.51 -7.60 3.74
C PHE A 632 17.52 -7.95 4.84
N ILE A 633 17.06 -9.19 4.85
CA ILE A 633 16.12 -9.71 5.84
C ILE A 633 16.90 -10.07 7.09
N ASP A 634 16.41 -9.57 8.22
CA ASP A 634 16.88 -10.03 9.54
C ASP A 634 15.81 -10.99 10.11
N PRO A 635 16.18 -12.23 10.42
CA PRO A 635 15.20 -13.23 10.84
C PRO A 635 14.61 -12.86 12.23
N LEU A 636 15.26 -11.95 12.97
CA LEU A 636 14.68 -11.51 14.26
C LEU A 636 13.62 -10.37 14.10
N GLY A 637 13.52 -9.83 12.88
CA GLY A 637 12.56 -8.76 12.60
C GLY A 637 12.99 -7.44 13.21
N LEU A 638 12.18 -6.39 13.03
CA LEU A 638 12.46 -5.10 13.63
C LEU A 638 11.82 -5.06 15.02
N PRO A 639 12.27 -4.14 15.92
CA PRO A 639 11.73 -4.12 17.30
C PRO A 639 10.21 -4.04 17.39
N ASP A 640 9.64 -5.03 18.08
CA ASP A 640 8.19 -5.20 18.26
C ASP A 640 7.42 -5.29 16.98
N ARG A 641 8.12 -5.50 15.85
CA ARG A 641 7.40 -5.72 14.58
C ARG A 641 8.02 -6.95 13.88
N PRO A 642 7.69 -8.15 14.37
CA PRO A 642 8.44 -9.33 13.91
C PRO A 642 8.19 -9.68 12.46
N PHE A 643 7.12 -9.17 11.83
CA PHE A 643 6.83 -9.48 10.42
C PHE A 643 7.37 -8.41 9.44
N TYR A 644 8.01 -7.39 9.99
CA TYR A 644 8.77 -6.46 9.16
C TYR A 644 10.23 -6.78 9.36
N ARG A 645 10.84 -7.47 8.38
CA ARG A 645 12.16 -8.07 8.62
C ARG A 645 13.27 -7.41 7.78
N HIS A 646 12.89 -6.51 6.87
CA HIS A 646 13.85 -5.89 5.94
C HIS A 646 14.55 -4.79 6.76
N VAL A 647 15.87 -4.75 6.70
CA VAL A 647 16.62 -3.81 7.53
C VAL A 647 16.76 -2.45 6.82
N ILE A 648 16.64 -2.39 5.49
CA ILE A 648 16.84 -1.11 4.77
C ILE A 648 15.52 -0.39 4.71
N TYR A 649 14.41 -1.13 4.53
CA TYR A 649 13.12 -0.50 4.37
C TYR A 649 12.09 -1.04 5.36
N ALA A 650 11.16 -0.20 5.81
CA ALA A 650 9.93 -0.69 6.46
C ALA A 650 8.85 0.33 6.28
N PRO A 651 7.60 -0.10 6.43
CA PRO A 651 6.55 0.88 6.45
C PRO A 651 6.76 1.78 7.66
N SER A 652 6.56 3.09 7.46
CA SER A 652 6.76 4.04 8.54
C SER A 652 5.86 3.70 9.75
N SER A 653 6.41 3.75 10.96
CA SER A 653 5.61 3.50 12.17
C SER A 653 4.52 4.58 12.40
N HIS A 654 4.62 5.68 11.68
CA HIS A 654 3.62 6.76 11.77
C HIS A 654 2.65 6.77 10.59
N ASN A 655 2.91 5.96 9.58
CA ASN A 655 2.10 6.02 8.35
C ASN A 655 2.45 4.83 7.50
N LYS A 656 1.62 3.78 7.58
CA LYS A 656 1.90 2.49 6.94
C LYS A 656 2.11 2.66 5.42
N TYR A 657 1.45 3.65 4.84
CA TYR A 657 1.61 3.88 3.39
C TYR A 657 3.00 4.29 2.96
N ALA A 658 3.74 4.98 3.84
CA ALA A 658 5.06 5.58 3.48
C ALA A 658 6.18 4.60 3.76
N GLY A 659 7.16 4.49 2.85
CA GLY A 659 8.34 3.65 3.17
C GLY A 659 9.31 4.49 4.02
N GLU A 660 10.03 3.85 4.94
CA GLU A 660 11.04 4.54 5.73
C GLU A 660 12.36 3.80 5.47
N SER A 661 13.50 4.50 5.42
CA SER A 661 14.78 3.81 5.23
C SER A 661 15.53 3.69 6.57
N PHE A 662 16.44 2.70 6.70
CA PHE A 662 17.02 2.29 8.03
C PHE A 662 16.02 2.47 9.15
N PRO A 663 14.86 1.78 9.03
CA PRO A 663 13.78 1.99 9.98
C PRO A 663 14.14 1.73 11.44
N GLY A 664 15.02 0.73 11.69
CA GLY A 664 15.42 0.42 13.04
C GLY A 664 16.11 1.58 13.71
N ILE A 665 17.06 2.21 12.98
CA ILE A 665 17.73 3.43 13.49
C ILE A 665 16.77 4.63 13.53
N TYR A 666 15.94 4.76 12.50
CA TYR A 666 15.02 5.92 12.46
C TYR A 666 14.10 5.96 13.70
N ASP A 667 13.47 4.83 14.00
CA ASP A 667 12.56 4.70 15.13
C ASP A 667 13.30 4.87 16.45
N ALA A 668 14.51 4.35 16.56
CA ALA A 668 15.33 4.57 17.77
C ALA A 668 15.65 6.06 17.97
N LEU A 669 15.82 6.81 16.89
CA LEU A 669 16.08 8.28 17.02
C LEU A 669 14.84 9.15 17.16
N PHE A 670 13.68 8.61 16.79
CA PHE A 670 12.48 9.43 16.69
C PHE A 670 12.08 9.91 18.08
N ASP A 671 11.96 11.23 18.20
CA ASP A 671 11.48 11.89 19.45
C ASP A 671 12.40 11.51 20.62
N ILE A 672 13.69 11.27 20.33
CA ILE A 672 14.59 10.75 21.36
C ILE A 672 14.82 11.74 22.51
N GLU A 673 14.71 13.05 22.23
CA GLU A 673 14.87 14.10 23.27
C GLU A 673 13.81 14.06 24.36
N SER A 674 12.73 13.31 24.11
CA SER A 674 11.64 13.12 25.07
C SER A 674 11.83 11.91 25.95
N LYS A 675 12.78 11.02 25.63
CA LYS A 675 12.95 9.79 26.40
C LYS A 675 13.52 10.09 27.79
N VAL A 676 13.01 9.40 28.81
CA VAL A 676 13.42 9.74 30.20
C VAL A 676 14.79 9.18 30.58
N ASP A 677 15.24 8.12 29.89
CA ASP A 677 16.55 7.50 30.18
C ASP A 677 17.37 7.64 28.89
N PRO A 678 18.06 8.78 28.72
CA PRO A 678 18.80 9.00 27.48
C PRO A 678 19.89 7.95 27.24
N SER A 679 20.49 7.43 28.33
CA SER A 679 21.54 6.43 28.20
C SER A 679 21.01 5.16 27.52
N LYS A 680 19.85 4.73 27.98
CA LYS A 680 19.19 3.58 27.37
C LYS A 680 18.78 3.86 25.91
N ALA A 681 18.26 5.06 25.67
CA ALA A 681 17.73 5.35 24.35
C ALA A 681 18.89 5.41 23.32
N TRP A 682 19.99 6.07 23.70
CA TRP A 682 21.14 6.17 22.84
C TRP A 682 21.84 4.82 22.68
N GLY A 683 21.79 3.98 23.73
CA GLY A 683 22.27 2.57 23.61
C GLY A 683 21.53 1.81 22.53
N GLU A 684 20.22 2.01 22.45
CA GLU A 684 19.41 1.37 21.41
C GLU A 684 19.71 1.95 20.02
N VAL A 685 19.97 3.27 19.91
CA VAL A 685 20.42 3.81 18.64
C VAL A 685 21.69 3.07 18.18
N LYS A 686 22.68 2.98 19.07
CA LYS A 686 23.91 2.29 18.72
C LYS A 686 23.66 0.82 18.34
N ARG A 687 22.75 0.14 19.06
CA ARG A 687 22.45 -1.26 18.71
C ARG A 687 21.90 -1.34 17.27
N GLN A 688 21.02 -0.40 16.92
CA GLN A 688 20.46 -0.41 15.56
C GLN A 688 21.49 -0.06 14.48
N ILE A 689 22.44 0.83 14.81
CA ILE A 689 23.54 1.11 13.88
C ILE A 689 24.32 -0.18 13.60
N TYR A 690 24.65 -0.91 14.65
CA TYR A 690 25.34 -2.20 14.52
C TYR A 690 24.57 -3.19 13.67
N VAL A 691 23.28 -3.35 13.94
CA VAL A 691 22.46 -4.27 13.11
C VAL A 691 22.44 -3.85 11.63
N ALA A 692 22.32 -2.53 11.37
CA ALA A 692 22.28 -2.03 10.03
C ALA A 692 23.61 -2.24 9.33
N ALA A 693 24.72 -1.90 9.99
CA ALA A 693 26.09 -2.07 9.40
C ALA A 693 26.35 -3.53 9.10
N PHE A 694 26.03 -4.37 10.08
CA PHE A 694 26.24 -5.80 9.91
C PHE A 694 25.42 -6.31 8.71
N THR A 695 24.14 -5.94 8.65
CA THR A 695 23.29 -6.50 7.55
C THR A 695 23.76 -5.99 6.20
N VAL A 696 24.12 -4.70 6.10
CA VAL A 696 24.68 -4.21 4.84
C VAL A 696 25.96 -4.97 4.43
N GLN A 697 26.89 -5.13 5.37
CA GLN A 697 28.12 -5.91 5.04
C GLN A 697 27.76 -7.36 4.66
N ALA A 698 26.81 -7.95 5.39
CA ALA A 698 26.43 -9.36 5.06
C ALA A 698 25.84 -9.48 3.65
N ALA A 699 24.99 -8.51 3.29
CA ALA A 699 24.43 -8.49 1.93
C ALA A 699 25.52 -8.30 0.89
N ALA A 700 26.44 -7.34 1.13
CA ALA A 700 27.61 -7.16 0.26
C ALA A 700 28.35 -8.49 0.02
N GLU A 701 28.59 -9.22 1.10
CA GLU A 701 29.34 -10.46 1.01
C GLU A 701 28.65 -11.56 0.22
N THR A 702 27.31 -11.50 0.07
CA THR A 702 26.62 -12.41 -0.87
C THR A 702 27.03 -12.23 -2.36
N LEU A 703 27.61 -11.07 -2.68
CA LEU A 703 28.03 -10.74 -4.02
C LEU A 703 29.52 -10.97 -4.24
N SER A 704 30.26 -11.31 -3.17
CA SER A 704 31.68 -11.67 -3.33
C SER A 704 31.79 -12.96 -4.14
N GLU A 705 32.97 -13.23 -4.68
CA GLU A 705 33.18 -14.57 -5.24
C GLU A 705 32.80 -15.63 -4.19
N VAL A 706 32.14 -16.70 -4.64
CA VAL A 706 31.46 -17.62 -3.67
C VAL A 706 32.46 -18.59 -3.01
N ALA A 707 33.64 -18.75 -3.61
CA ALA A 707 34.69 -19.61 -3.05
C ALA A 707 35.99 -19.31 -3.78
C1 NAG B . -18.54 -11.01 -17.21
C2 NAG B . -20.06 -11.12 -17.25
C3 NAG B . -20.48 -12.59 -17.10
C4 NAG B . -19.74 -13.55 -18.02
C5 NAG B . -18.23 -13.25 -17.99
C6 NAG B . -17.40 -14.09 -19.00
C7 NAG B . -21.18 -9.18 -16.32
C8 NAG B . -21.75 -8.50 -15.10
N2 NAG B . -20.63 -10.39 -16.14
O3 NAG B . -21.86 -12.67 -17.36
O4 NAG B . -19.99 -14.86 -17.54
O5 NAG B . -17.99 -11.87 -18.20
O6 NAG B . -17.85 -13.77 -20.30
O7 NAG B . -21.22 -8.59 -17.40
C1 NAG B . -20.45 -15.72 -18.62
C2 NAG B . -20.19 -17.18 -18.21
C3 NAG B . -20.92 -18.18 -19.11
C4 NAG B . -22.37 -17.80 -19.40
C5 NAG B . -22.42 -16.32 -19.86
C6 NAG B . -23.85 -15.83 -20.13
C7 NAG B . -17.97 -17.57 -17.17
C8 NAG B . -18.59 -17.35 -15.83
N2 NAG B . -18.76 -17.47 -18.23
O3 NAG B . -20.86 -19.42 -18.45
O4 NAG B . -22.96 -18.68 -20.37
O5 NAG B . -21.84 -15.50 -18.86
O6 NAG B . -24.51 -15.65 -18.90
O7 NAG B . -16.74 -17.82 -17.28
C1 NAG C . -27.69 -7.46 14.78
C2 NAG C . -27.31 -8.66 15.62
C3 NAG C . -28.51 -9.41 16.21
C4 NAG C . -29.75 -8.51 16.48
C5 NAG C . -29.92 -7.42 15.40
C6 NAG C . -31.14 -6.48 15.55
C7 NAG C . -25.23 -9.80 15.11
C8 NAG C . -24.68 -9.32 16.43
N2 NAG C . -26.48 -9.49 14.77
O3 NAG C . -28.06 -9.95 17.42
O4 NAG C . -30.92 -9.32 16.56
O5 NAG C . -28.71 -6.67 15.32
O6 NAG C . -31.18 -5.75 16.76
O7 NAG C . -24.50 -10.48 14.39
C1 NAG C . -31.45 -9.35 17.92
C2 NAG C . -32.94 -9.70 17.84
C3 NAG C . -33.50 -9.98 19.22
C4 NAG C . -32.65 -10.98 19.99
C5 NAG C . -31.21 -10.43 20.09
C6 NAG C . -30.31 -11.38 20.88
C7 NAG C . -34.14 -8.61 15.95
C8 NAG C . -34.95 -7.41 15.51
N2 NAG C . -33.72 -8.62 17.23
O3 NAG C . -34.82 -10.47 19.09
O4 NAG C . -33.22 -11.23 21.26
O5 NAG C . -30.69 -10.21 18.78
O6 NAG C . -28.97 -11.19 20.51
O7 NAG C . -33.91 -9.53 15.15
C1 NAG D . -32.01 9.84 15.27
C2 NAG D . -33.33 10.62 15.31
C3 NAG D . -34.13 10.22 16.56
C4 NAG D . -34.20 8.70 16.81
C5 NAG D . -32.84 7.98 16.57
C6 NAG D . -32.94 6.45 16.52
C7 NAG D . -33.43 12.89 14.35
C8 NAG D . -33.23 14.37 14.50
N2 NAG D . -33.15 12.07 15.37
O3 NAG D . -35.42 10.81 16.47
O4 NAG D . -34.65 8.50 18.15
O5 NAG D . -32.23 8.43 15.36
O6 NAG D . -33.85 6.05 15.50
O7 NAG D . -33.89 12.47 13.29
C1 NAG D . -35.71 7.52 18.29
C2 NAG D . -35.62 6.92 19.70
C3 NAG D . -36.81 6.00 20.03
C4 NAG D . -38.13 6.67 19.71
C5 NAG D . -38.07 7.07 18.22
C6 NAG D . -39.43 7.57 17.70
C7 NAG D . -33.33 6.66 20.55
C8 NAG D . -32.13 5.75 20.62
N2 NAG D . -34.38 6.18 19.88
O3 NAG D . -36.76 5.68 21.41
O4 NAG D . -39.25 5.86 20.04
O5 NAG D . -37.02 8.03 18.03
O6 NAG D . -39.34 8.89 17.26
O7 NAG D . -33.29 7.78 21.08
C1 NAG E . 19.64 -0.86 -19.32
C2 NAG E . 20.23 -2.20 -18.88
C3 NAG E . 21.74 -2.07 -18.82
C4 NAG E . 22.29 -1.53 -20.14
C5 NAG E . 21.60 -0.21 -20.47
C6 NAG E . 22.06 0.47 -21.78
C7 NAG E . 19.07 -3.75 -17.31
C8 NAG E . 18.96 -4.70 -18.44
N2 NAG E . 19.71 -2.60 -17.58
O3 NAG E . 22.23 -3.35 -18.57
O4 NAG E . 23.66 -1.28 -19.95
O5 NAG E . 20.19 -0.47 -20.57
O6 NAG E . 21.85 -0.40 -22.87
O7 NAG E . 18.64 -4.05 -16.14
C1 NAG E . 24.48 -1.93 -20.94
C2 NAG E . 25.87 -1.33 -20.74
C3 NAG E . 26.87 -1.96 -21.70
C4 NAG E . 26.79 -3.50 -21.63
C5 NAG E . 25.31 -3.95 -21.78
C6 NAG E . 25.12 -5.47 -21.67
C7 NAG E . 25.84 1.05 -20.04
C8 NAG E . 25.95 0.70 -18.60
N2 NAG E . 25.81 0.09 -20.98
O3 NAG E . 28.16 -1.47 -21.36
O4 NAG E . 27.55 -4.04 -22.69
O5 NAG E . 24.52 -3.33 -20.80
O6 NAG E . 25.79 -5.95 -20.53
O7 NAG E . 25.76 2.24 -20.38
C1 BMA E . 28.81 -4.60 -22.25
C2 BMA E . 29.07 -5.92 -22.97
C3 BMA E . 30.37 -6.57 -22.45
C4 BMA E . 31.56 -5.59 -22.51
C5 BMA E . 31.20 -4.16 -22.06
C6 BMA E . 32.25 -3.15 -22.51
O2 BMA E . 29.13 -5.63 -24.38
O3 BMA E . 30.68 -7.81 -23.14
O4 BMA E . 32.62 -6.08 -21.67
O5 BMA E . 29.90 -3.72 -22.54
O6 BMA E . 32.16 -1.95 -21.72
C1 NAG F . 34.73 -3.36 5.16
C2 NAG F . 34.41 -3.88 6.55
C3 NAG F . 35.72 -3.89 7.35
C4 NAG F . 36.86 -4.66 6.63
C5 NAG F . 37.01 -4.18 5.18
C6 NAG F . 37.95 -5.15 4.44
C7 NAG F . 32.42 -3.70 7.89
C8 NAG F . 31.42 -2.78 8.54
N2 NAG F . 33.40 -3.07 7.24
O3 NAG F . 35.49 -4.50 8.58
O4 NAG F . 38.14 -4.43 7.21
O5 NAG F . 35.72 -4.19 4.57
O6 NAG F . 38.50 -4.53 3.28
O7 NAG F . 32.35 -4.94 7.99
C1 NAG F . 38.33 -5.22 8.39
C2 NAG F . 39.75 -5.78 8.41
C3 NAG F . 40.07 -6.44 9.76
C4 NAG F . 39.81 -5.41 10.87
C5 NAG F . 38.31 -5.08 10.74
C6 NAG F . 37.73 -4.23 11.86
C7 NAG F . 40.79 -6.34 6.28
C8 NAG F . 41.42 -4.96 6.23
N2 NAG F . 40.00 -6.69 7.32
O3 NAG F . 41.42 -6.90 9.72
O4 NAG F . 39.95 -5.95 12.15
O5 NAG F . 38.09 -4.41 9.52
O6 NAG F . 38.22 -2.94 11.67
O7 NAG F . 40.99 -7.12 5.37
C1 BMA F . 41.26 -6.00 12.72
C2 BMA F . 41.12 -5.83 14.23
C3 BMA F . 42.47 -5.94 14.91
C4 BMA F . 43.11 -7.27 14.50
C5 BMA F . 43.17 -7.45 12.97
C6 BMA F . 43.64 -8.83 12.51
O2 BMA F . 40.18 -6.81 14.74
O3 BMA F . 42.25 -5.88 16.32
O4 BMA F . 44.40 -7.33 15.08
O5 BMA F . 41.86 -7.25 12.42
O6 BMA F . 43.56 -8.94 11.08
C1 MAN F . 43.21 -5.03 16.97
C2 MAN F . 43.16 -5.37 18.47
C3 MAN F . 41.83 -4.88 19.07
C4 MAN F . 41.59 -3.41 18.75
C5 MAN F . 41.66 -3.28 17.22
C6 MAN F . 41.15 -1.94 16.65
O2 MAN F . 44.24 -4.74 19.11
O3 MAN F . 41.77 -5.06 20.45
O4 MAN F . 40.31 -3.05 19.24
O5 MAN F . 42.96 -3.64 16.78
O6 MAN F . 41.78 -0.84 17.28
C1 NAG G . -5.88 13.35 31.16
C2 NAG G . -4.66 13.28 32.07
C3 NAG G . -4.70 11.93 32.79
C4 NAG G . -5.94 11.82 33.66
C5 NAG G . -7.23 12.14 32.91
C6 NAG G . -8.29 12.57 33.94
C7 NAG G . -2.74 14.67 31.40
C8 NAG G . -1.45 14.72 30.61
N2 NAG G . -3.40 13.51 31.36
O3 NAG G . -3.56 11.80 33.60
O4 NAG G . -6.02 10.51 34.19
O5 NAG G . -7.08 13.19 31.94
O6 NAG G . -9.61 12.35 33.49
O7 NAG G . -3.11 15.67 32.03
C1 NAG H . -8.03 13.18 -16.93
C2 NAG H . -8.41 14.11 -15.76
C3 NAG H . -9.28 15.32 -16.17
C4 NAG H . -8.65 16.04 -17.35
C5 NAG H . -8.33 14.95 -18.41
C6 NAG H . -7.92 15.51 -19.78
C7 NAG H . -8.71 13.31 -13.54
C8 NAG H . -9.50 12.45 -12.59
N2 NAG H . -9.11 13.32 -14.78
O3 NAG H . -9.47 16.16 -15.03
O4 NAG H . -9.58 16.98 -17.85
O5 NAG H . -7.41 13.96 -17.91
O6 NAG H . -6.55 15.76 -19.72
O7 NAG H . -7.72 13.93 -13.16
ZN ZN I . -8.67 0.26 -1.28
ZN ZN J . -6.74 -1.63 -3.59
CA CA K . -2.04 -16.29 9.11
CL CL L . 0.02 -1.22 -7.51
N 2GB M . -5.25 -0.69 0.39
CA 2GB M . -6.16 -0.69 1.58
C 2GB M . -6.32 0.63 2.32
O 2GB M . -5.38 1.50 2.28
CB 2GB M . -5.68 -1.81 2.65
CG 2GB M . -4.22 -1.46 3.12
OXT 2GB M . -7.41 0.74 3.01
CAP 2GB M . -2.85 8.49 -3.19
CAS 2GB M . -2.82 9.62 -4.02
CAO 2GB M . -3.70 9.74 -5.11
CAR 2GB M . -4.59 8.69 -5.32
CAQ 2GB M . -4.58 7.55 -4.49
CAN 2GB M . -3.72 7.43 -3.39
CAI 2GB M . -3.76 6.25 -2.60
CAM 2GB M . -4.56 5.21 -3.07
CAJ 2GB M . -4.66 3.96 -2.43
CAL 2GB M . -3.02 5.99 -1.42
CAK 2GB M . -3.15 4.73 -0.75
CAH 2GB M . -3.98 3.69 -1.24
CAB 2GB M . -4.13 2.20 -0.60
OAT 2GB M . -4.69 1.00 -1.54
PBA 2GB M . -5.85 0.10 -0.99
OAV 2GB M . -6.40 -1.02 -1.90
OAU 2GB M . -6.98 1.00 -0.52
CD 2GB M . -3.76 -2.21 4.41
OE2 2GB M . -4.66 -2.72 5.13
OE1 2GB M . -2.53 -2.21 4.67
#